data_4O5G
#
_entry.id   4O5G
#
_cell.length_a   47.724
_cell.length_b   113.423
_cell.length_c   80.482
_cell.angle_alpha   90.00
_cell.angle_beta   101.28
_cell.angle_gamma   90.00
#
_symmetry.space_group_name_H-M   'P 1 21 1'
#
loop_
_entity.id
_entity.type
_entity.pdbx_description
1 polymer 'Exonuclease, putative'
2 non-polymer 'MANGANESE (II) ION'
3 non-polymer (5~{E})-5-[(4-aminophenyl)methylidene]-2-azanylidene-1,3-thiazolidin-4-one
4 water water
#
_entity_poly.entity_id   1
_entity_poly.type   'polypeptide(L)'
_entity_poly.pdbx_seq_one_letter_code
;MGSDKIHHHHHHVINLKELKILHTSDWHLGVTSWTSSRPVDRREELKKALDKVVEEAEKREVDLILLTGDLLHSRNNPSV
VALHDLLDYLKRMMRTAPVVVLPGNHDWKGLKLFGNFVTSISSDITFVMSFEPVDVEAKRGQKVRILPFPYPDESEALRK
NEGDFRFFLESRLNKLYEEALKKEDFAIFMGHFTVEGLAGYAGIEQGREIIINRALIPSVVDYAALGHIHSFREIQKQPL
TIYPGSLIRIDFGEEADEKGAVFVELKRGEPPRYERIDASPLPLKTLYYKKIDTSALKSIRDFCRNFPGYVRVVYEEDSG
ILPDLMGEIDNLVKIE
;
_entity_poly.pdbx_strand_id   A,B
#
loop_
_chem_comp.id
_chem_comp.type
_chem_comp.name
_chem_comp.formula
2PV non-polymer (5~{E})-5-[(4-aminophenyl)methylidene]-2-azanylidene-1,3-thiazolidin-4-one 'C10 H9 N3 O S'
MN non-polymer 'MANGANESE (II) ION' 'Mn 2'
#
# COMPACT_ATOMS: atom_id res chain seq x y z
N ILE A 6 21.49 2.83 -21.02
CA ILE A 6 22.33 1.87 -20.31
C ILE A 6 21.49 1.06 -19.32
N HIS A 7 22.16 0.18 -18.57
CA HIS A 7 21.48 -0.63 -17.56
C HIS A 7 21.05 0.23 -16.39
N HIS A 8 20.11 -0.28 -15.59
CA HIS A 8 19.59 0.47 -14.46
C HIS A 8 19.70 -0.33 -13.16
N HIS A 9 20.48 -1.41 -13.21
CA HIS A 9 20.64 -2.27 -12.04
C HIS A 9 21.92 -1.96 -11.26
N HIS A 10 22.17 -2.73 -10.21
CA HIS A 10 23.32 -2.52 -9.36
C HIS A 10 24.62 -2.94 -10.06
N HIS A 11 25.72 -2.30 -9.68
CA HIS A 11 27.03 -2.68 -10.19
C HIS A 11 27.62 -3.73 -9.27
N HIS A 12 28.65 -4.43 -9.75
CA HIS A 12 29.30 -5.46 -8.95
C HIS A 12 30.82 -5.34 -9.05
N VAL A 13 31.39 -4.57 -8.14
CA VAL A 13 32.81 -4.29 -8.12
C VAL A 13 33.52 -5.24 -7.17
N ILE A 14 34.50 -5.98 -7.68
CA ILE A 14 35.24 -6.92 -6.87
C ILE A 14 36.05 -6.21 -5.78
N ASN A 15 36.10 -6.82 -4.59
CA ASN A 15 36.89 -6.32 -3.47
C ASN A 15 36.62 -4.85 -3.11
N LEU A 16 35.36 -4.44 -3.23
CA LEU A 16 35.00 -3.08 -2.87
C LEU A 16 34.68 -2.96 -1.38
N LYS A 17 35.51 -2.22 -0.67
CA LYS A 17 35.38 -2.10 0.79
C LYS A 17 34.97 -0.70 1.20
N GLU A 18 34.16 -0.06 0.37
CA GLU A 18 33.68 1.29 0.65
C GLU A 18 32.16 1.36 0.51
N LEU A 19 31.54 2.23 1.31
CA LEU A 19 30.09 2.40 1.24
C LEU A 19 29.72 3.86 1.48
N LYS A 20 29.04 4.46 0.51
CA LYS A 20 28.53 5.83 0.65
C LYS A 20 27.06 5.81 1.03
N ILE A 21 26.73 6.46 2.13
CA ILE A 21 25.39 6.41 2.70
C ILE A 21 24.73 7.77 2.78
N LEU A 22 23.48 7.86 2.31
CA LEU A 22 22.63 9.01 2.60
C LEU A 22 21.63 8.64 3.69
N HIS A 23 21.64 9.39 4.79
CA HIS A 23 20.71 9.15 5.88
C HIS A 23 19.88 10.39 6.16
N THR A 24 18.57 10.27 6.01
CA THR A 24 17.65 11.35 6.37
C THR A 24 16.45 10.79 7.13
N SER A 25 15.73 11.67 7.83
CA SER A 25 14.70 11.23 8.75
C SER A 25 13.68 12.31 9.09
N ASP A 26 12.56 11.89 9.68
CA ASP A 26 11.56 12.79 10.25
C ASP A 26 11.07 13.88 9.29
N TRP A 27 10.61 13.46 8.12
CA TRP A 27 10.12 14.40 7.11
C TRP A 27 8.85 15.10 7.56
N HIS A 28 7.98 14.36 8.25
CA HIS A 28 6.67 14.87 8.67
C HIS A 28 5.85 15.39 7.49
N LEU A 29 5.88 14.65 6.39
CA LEU A 29 5.06 14.94 5.22
C LEU A 29 3.60 15.14 5.63
N GLY A 30 2.99 16.23 5.17
CA GLY A 30 1.59 16.49 5.42
C GLY A 30 1.30 17.42 6.59
N VAL A 31 2.36 17.97 7.18
CA VAL A 31 2.19 18.81 8.37
C VAL A 31 1.64 20.20 8.05
N THR A 32 0.75 20.68 8.91
CA THR A 32 0.31 22.07 8.88
C THR A 32 0.60 22.64 10.26
N SER A 33 1.40 23.69 10.32
CA SER A 33 1.85 24.25 11.59
C SER A 33 0.93 25.35 12.10
N TRP A 34 0.91 25.53 13.42
CA TRP A 34 0.20 26.62 14.08
C TRP A 34 -1.29 26.72 13.72
N THR A 35 -1.98 25.59 13.78
CA THR A 35 -3.39 25.53 13.42
C THR A 35 -4.31 26.33 14.35
N SER A 36 -3.83 26.65 15.54
CA SER A 36 -4.65 27.35 16.53
C SER A 36 -4.49 28.87 16.47
N SER A 37 -3.51 29.34 15.72
CA SER A 37 -3.27 30.77 15.58
C SER A 37 -3.34 31.22 14.12
N ARG A 38 -2.54 30.58 13.27
CA ARG A 38 -2.56 30.85 11.83
C ARG A 38 -1.96 29.67 11.07
N PRO A 39 -2.83 28.78 10.56
CA PRO A 39 -2.41 27.55 9.88
C PRO A 39 -1.52 27.83 8.68
N VAL A 40 -0.34 27.21 8.66
CA VAL A 40 0.59 27.35 7.55
C VAL A 40 0.94 25.98 7.00
N ASP A 41 0.53 25.73 5.75
CA ASP A 41 0.84 24.48 5.08
C ASP A 41 2.33 24.46 4.71
N ARG A 42 3.08 23.51 5.26
CA ARG A 42 4.53 23.48 5.12
C ARG A 42 4.99 22.70 3.90
N ARG A 43 4.04 22.22 3.10
CA ARG A 43 4.33 21.34 1.97
C ARG A 43 5.36 21.88 0.98
N GLU A 44 5.15 23.11 0.52
CA GLU A 44 6.03 23.71 -0.48
C GLU A 44 7.47 23.82 0.02
N GLU A 45 7.62 24.31 1.25
CA GLU A 45 8.93 24.43 1.87
C GLU A 45 9.56 23.05 2.05
N LEU A 46 8.74 22.08 2.44
CA LEU A 46 9.23 20.73 2.72
C LEU A 46 9.70 20.05 1.44
N LYS A 47 8.93 20.21 0.37
CA LYS A 47 9.30 19.63 -0.92
C LYS A 47 10.61 20.22 -1.45
N LYS A 48 10.84 21.51 -1.22
CA LYS A 48 12.10 22.15 -1.58
C LYS A 48 13.27 21.49 -0.88
N ALA A 49 13.14 21.31 0.43
CA ALA A 49 14.19 20.67 1.21
C ALA A 49 14.46 19.25 0.73
N LEU A 50 13.39 18.51 0.47
CA LEU A 50 13.51 17.13 0.00
C LEU A 50 14.21 17.07 -1.36
N ASP A 51 13.86 17.98 -2.25
CA ASP A 51 14.50 18.08 -3.56
C ASP A 51 16.01 18.26 -3.42
N LYS A 52 16.41 19.14 -2.51
CA LYS A 52 17.83 19.41 -2.27
C LYS A 52 18.56 18.17 -1.76
N VAL A 53 17.89 17.38 -0.92
CA VAL A 53 18.48 16.15 -0.42
C VAL A 53 18.65 15.12 -1.53
N VAL A 54 17.62 14.95 -2.33
CA VAL A 54 17.67 14.03 -3.47
C VAL A 54 18.79 14.41 -4.44
N GLU A 55 18.91 15.70 -4.72
CA GLU A 55 19.94 16.20 -5.63
C GLU A 55 21.36 15.92 -5.11
N GLU A 56 21.56 16.08 -3.81
CA GLU A 56 22.85 15.79 -3.20
C GLU A 56 23.18 14.31 -3.23
N ALA A 57 22.14 13.48 -3.11
CA ALA A 57 22.30 12.03 -3.17
C ALA A 57 22.80 11.61 -4.54
N GLU A 58 22.17 12.14 -5.57
CA GLU A 58 22.55 11.85 -6.95
C GLU A 58 23.95 12.40 -7.26
N LYS A 59 24.21 13.61 -6.79
CA LYS A 59 25.49 14.27 -7.00
C LYS A 59 26.63 13.46 -6.39
N ARG A 60 26.45 13.04 -5.15
CA ARG A 60 27.48 12.29 -4.43
C ARG A 60 27.47 10.81 -4.79
N GLU A 61 26.46 10.40 -5.56
CA GLU A 61 26.33 9.02 -6.02
C GLU A 61 26.38 8.01 -4.89
N VAL A 62 25.53 8.19 -3.89
CA VAL A 62 25.49 7.30 -2.73
C VAL A 62 25.19 5.85 -3.11
N ASP A 63 25.59 4.92 -2.24
CA ASP A 63 25.37 3.51 -2.49
C ASP A 63 24.10 3.00 -1.81
N LEU A 64 23.67 3.70 -0.77
CA LEU A 64 22.56 3.25 0.05
C LEU A 64 21.85 4.45 0.68
N ILE A 65 20.53 4.38 0.75
CA ILE A 65 19.75 5.45 1.37
C ILE A 65 18.97 4.92 2.57
N LEU A 66 19.17 5.55 3.72
CA LEU A 66 18.52 5.11 4.96
C LEU A 66 17.45 6.10 5.39
N LEU A 67 16.23 5.60 5.58
CA LEU A 67 15.14 6.43 6.05
C LEU A 67 14.65 5.95 7.41
N THR A 68 14.75 6.82 8.40
CA THR A 68 14.27 6.52 9.73
C THR A 68 13.27 7.59 10.13
N GLY A 69 12.75 7.49 11.36
CA GLY A 69 11.88 8.53 11.87
C GLY A 69 10.50 8.57 11.23
N ASP A 70 9.77 9.64 11.51
CA ASP A 70 8.41 9.79 11.03
C ASP A 70 8.36 10.50 9.68
N LEU A 71 8.27 9.73 8.61
CA LEU A 71 8.21 10.31 7.27
C LEU A 71 6.87 10.99 7.04
N LEU A 72 5.85 10.55 7.76
CA LEU A 72 4.55 11.21 7.73
C LEU A 72 4.30 11.93 9.04
N HIS A 73 3.46 12.97 9.00
CA HIS A 73 3.14 13.72 10.21
C HIS A 73 1.98 13.06 10.96
N SER A 74 1.00 12.57 10.23
CA SER A 74 -0.20 11.99 10.82
C SER A 74 0.04 10.55 11.25
N ARG A 75 -0.23 10.26 12.52
CA ARG A 75 0.04 8.94 13.09
C ARG A 75 -0.92 7.87 12.64
N ASN A 76 -2.13 8.27 12.26
CA ASN A 76 -3.17 7.31 11.93
C ASN A 76 -3.94 7.64 10.65
N ASN A 77 -4.11 8.93 10.36
CA ASN A 77 -4.90 9.33 9.21
C ASN A 77 -4.17 10.28 8.25
N PRO A 78 -3.17 9.76 7.52
CA PRO A 78 -2.44 10.62 6.58
C PRO A 78 -3.27 10.95 5.35
N SER A 79 -3.18 12.19 4.89
CA SER A 79 -3.94 12.63 3.73
C SER A 79 -3.40 11.97 2.46
N VAL A 80 -4.18 12.05 1.39
CA VAL A 80 -3.79 11.48 0.11
C VAL A 80 -2.58 12.22 -0.46
N VAL A 81 -2.57 13.54 -0.29
CA VAL A 81 -1.45 14.36 -0.76
C VAL A 81 -0.15 13.95 -0.08
N ALA A 82 -0.22 13.76 1.23
CA ALA A 82 0.95 13.36 2.00
C ALA A 82 1.45 11.99 1.54
N LEU A 83 0.52 11.05 1.40
CA LEU A 83 0.86 9.71 0.92
C LEU A 83 1.46 9.75 -0.48
N HIS A 84 0.86 10.55 -1.35
CA HIS A 84 1.35 10.70 -2.73
C HIS A 84 2.76 11.28 -2.73
N ASP A 85 3.00 12.28 -1.89
CA ASP A 85 4.30 12.89 -1.79
C ASP A 85 5.34 11.89 -1.29
N LEU A 86 4.96 11.10 -0.30
CA LEU A 86 5.86 10.08 0.26
C LEU A 86 6.29 9.08 -0.80
N LEU A 87 5.32 8.48 -1.48
CA LEU A 87 5.60 7.46 -2.50
C LEU A 87 6.36 8.04 -3.67
N ASP A 88 6.12 9.30 -3.95
CA ASP A 88 6.79 10.00 -5.03
C ASP A 88 8.29 10.10 -4.74
N TYR A 89 8.60 10.55 -3.53
CA TYR A 89 10.00 10.74 -3.13
C TYR A 89 10.71 9.42 -2.88
N LEU A 90 9.98 8.43 -2.37
CA LEU A 90 10.53 7.09 -2.21
C LEU A 90 11.01 6.60 -3.58
N LYS A 91 10.17 6.84 -4.58
CA LYS A 91 10.47 6.44 -5.94
C LYS A 91 11.67 7.20 -6.51
N ARG A 92 11.78 8.49 -6.19
CA ARG A 92 12.90 9.30 -6.67
C ARG A 92 14.21 8.80 -6.09
N MET A 93 14.18 8.40 -4.83
CA MET A 93 15.38 7.90 -4.16
C MET A 93 15.81 6.53 -4.70
N MET A 94 14.83 5.67 -4.95
CA MET A 94 15.11 4.34 -5.49
C MET A 94 15.84 4.39 -6.83
N ARG A 95 15.55 5.41 -7.63
CA ARG A 95 16.25 5.59 -8.91
C ARG A 95 17.74 5.89 -8.69
N THR A 96 18.04 6.54 -7.57
CA THR A 96 19.41 6.87 -7.22
C THR A 96 20.13 5.66 -6.63
N ALA A 97 19.61 5.14 -5.52
CA ALA A 97 20.25 4.05 -4.80
C ALA A 97 19.19 3.23 -4.07
N PRO A 98 19.52 1.98 -3.72
CA PRO A 98 18.59 1.18 -2.90
C PRO A 98 18.26 1.87 -1.58
N VAL A 99 17.01 1.74 -1.16
CA VAL A 99 16.50 2.46 -0.01
C VAL A 99 16.13 1.47 1.10
N VAL A 100 16.49 1.81 2.33
CA VAL A 100 16.09 1.03 3.49
C VAL A 100 15.25 1.91 4.42
N VAL A 101 14.02 1.48 4.66
CA VAL A 101 13.08 2.27 5.45
C VAL A 101 12.74 1.63 6.79
N LEU A 102 13.06 2.34 7.86
CA LEU A 102 12.63 1.94 9.19
C LEU A 102 11.50 2.87 9.62
N PRO A 103 10.26 2.38 9.56
CA PRO A 103 9.10 3.18 9.94
C PRO A 103 9.11 3.53 11.42
N GLY A 104 8.52 4.67 11.78
CA GLY A 104 8.45 5.07 13.17
C GLY A 104 7.19 4.56 13.85
N ASN A 105 6.60 5.40 14.70
CA ASN A 105 5.37 5.04 15.40
C ASN A 105 4.22 4.82 14.44
N HIS A 106 4.07 3.59 13.97
CA HIS A 106 2.99 3.26 13.04
C HIS A 106 1.77 2.74 13.80
N ASP A 107 0.61 3.29 13.45
CA ASP A 107 -0.64 2.92 14.11
C ASP A 107 -1.49 2.01 13.21
N TRP A 108 -1.76 2.48 11.99
CA TRP A 108 -2.56 1.70 11.05
C TRP A 108 -1.80 0.49 10.49
N LYS A 109 -2.51 -0.62 10.37
CA LYS A 109 -1.91 -1.89 9.96
C LYS A 109 -1.63 -1.92 8.45
N GLY A 110 -2.20 -0.97 7.72
CA GLY A 110 -2.03 -0.91 6.28
C GLY A 110 -0.58 -0.80 5.84
N LEU A 111 0.24 -0.16 6.67
CA LEU A 111 1.65 0.04 6.36
C LEU A 111 2.43 -1.28 6.30
N LYS A 112 2.24 -2.13 7.30
CA LYS A 112 3.00 -3.37 7.39
C LYS A 112 2.78 -4.30 6.19
N LEU A 113 1.54 -4.38 5.72
CA LEU A 113 1.25 -5.22 4.55
C LEU A 113 1.88 -4.61 3.30
N PHE A 114 1.74 -3.30 3.15
CA PHE A 114 2.33 -2.57 2.03
C PHE A 114 3.85 -2.74 2.00
N GLY A 115 4.49 -2.49 3.14
CA GLY A 115 5.93 -2.57 3.28
C GLY A 115 6.46 -3.93 2.90
N ASN A 116 5.81 -4.98 3.40
CA ASN A 116 6.23 -6.35 3.12
C ASN A 116 6.10 -6.69 1.64
N PHE A 117 4.96 -6.31 1.05
CA PHE A 117 4.70 -6.61 -0.36
C PHE A 117 5.71 -5.89 -1.27
N VAL A 118 5.90 -4.61 -1.02
CA VAL A 118 6.84 -3.80 -1.80
C VAL A 118 8.27 -4.35 -1.68
N THR A 119 8.64 -4.76 -0.47
CA THR A 119 9.94 -5.35 -0.22
C THR A 119 10.11 -6.65 -0.99
N SER A 120 9.03 -7.41 -1.11
CA SER A 120 9.07 -8.72 -1.77
C SER A 120 9.23 -8.60 -3.28
N ILE A 121 8.73 -7.53 -3.86
CA ILE A 121 8.72 -7.40 -5.31
C ILE A 121 9.80 -6.46 -5.84
N SER A 122 10.54 -5.82 -4.94
CA SER A 122 11.57 -4.88 -5.34
C SER A 122 12.94 -5.20 -4.74
N SER A 123 13.99 -4.90 -5.49
CA SER A 123 15.36 -5.07 -5.02
C SER A 123 16.02 -3.73 -4.76
N ASP A 124 15.23 -2.66 -4.75
CA ASP A 124 15.76 -1.32 -4.52
C ASP A 124 15.08 -0.60 -3.37
N ILE A 125 14.22 -1.31 -2.65
CA ILE A 125 13.65 -0.80 -1.41
C ILE A 125 13.35 -1.94 -0.43
N THR A 126 13.66 -1.71 0.83
CA THR A 126 13.46 -2.71 1.88
C THR A 126 12.84 -2.04 3.09
N PHE A 127 11.69 -2.56 3.54
CA PHE A 127 11.07 -2.08 4.77
C PHE A 127 11.41 -3.01 5.93
N VAL A 128 12.10 -2.49 6.94
CA VAL A 128 12.36 -3.25 8.15
C VAL A 128 11.37 -2.87 9.26
N MET A 129 10.42 -3.76 9.53
CA MET A 129 9.36 -3.44 10.47
C MET A 129 9.30 -4.42 11.63
N SER A 130 10.43 -5.04 11.94
CA SER A 130 10.56 -5.90 13.10
C SER A 130 11.99 -5.83 13.62
N PHE A 131 12.32 -6.68 14.58
CA PHE A 131 13.67 -6.70 15.14
C PHE A 131 14.56 -7.69 14.41
N GLU A 132 14.01 -8.32 13.37
CA GLU A 132 14.76 -9.29 12.59
C GLU A 132 15.73 -8.60 11.64
N PRO A 133 17.02 -8.98 11.72
CA PRO A 133 18.03 -8.44 10.80
C PRO A 133 17.74 -8.84 9.36
N VAL A 134 18.04 -7.94 8.43
CA VAL A 134 17.95 -8.27 7.01
C VAL A 134 19.24 -7.90 6.30
N ASP A 135 19.61 -8.68 5.29
CA ASP A 135 20.76 -8.36 4.48
C ASP A 135 20.30 -7.70 3.19
N VAL A 136 20.98 -6.63 2.79
CA VAL A 136 20.63 -5.93 1.56
C VAL A 136 21.85 -5.70 0.68
N GLU A 137 21.59 -5.43 -0.59
CA GLU A 137 22.66 -5.16 -1.54
C GLU A 137 22.65 -3.69 -1.90
N ALA A 138 23.81 -3.05 -1.79
CA ALA A 138 23.92 -1.62 -2.10
C ALA A 138 24.19 -1.40 -3.59
N LYS A 139 24.20 -0.13 -3.99
CA LYS A 139 24.30 0.25 -5.40
C LYS A 139 25.46 -0.41 -6.15
N ARG A 140 26.60 -0.54 -5.49
CA ARG A 140 27.77 -1.13 -6.13
C ARG A 140 28.06 -2.55 -5.64
N GLY A 141 27.01 -3.28 -5.28
CA GLY A 141 27.14 -4.68 -4.94
C GLY A 141 27.54 -4.99 -3.50
N GLN A 142 27.74 -3.96 -2.70
CA GLN A 142 28.13 -4.15 -1.30
C GLN A 142 27.05 -4.87 -0.51
N LYS A 143 27.47 -5.85 0.29
CA LYS A 143 26.55 -6.56 1.17
C LYS A 143 26.45 -5.83 2.51
N VAL A 144 25.24 -5.42 2.86
CA VAL A 144 25.02 -4.66 4.08
C VAL A 144 24.00 -5.34 5.00
N ARG A 145 24.41 -5.60 6.23
CA ARG A 145 23.49 -6.18 7.21
C ARG A 145 22.82 -5.09 8.04
N ILE A 146 21.49 -5.08 8.02
CA ILE A 146 20.72 -4.10 8.76
C ILE A 146 20.26 -4.68 10.10
N LEU A 147 20.54 -3.95 11.18
CA LEU A 147 20.09 -4.35 12.51
C LEU A 147 19.01 -3.38 12.95
N PRO A 148 17.74 -3.74 12.72
CA PRO A 148 16.62 -2.82 12.92
C PRO A 148 16.11 -2.82 14.36
N PHE A 149 15.67 -1.66 14.82
CA PHE A 149 15.09 -1.53 16.14
C PHE A 149 13.90 -0.58 16.09
N PRO A 150 12.75 -1.08 15.63
CA PRO A 150 11.55 -0.24 15.48
C PRO A 150 10.88 0.02 16.82
N TYR A 151 9.89 0.89 16.82
CA TYR A 151 9.08 1.10 18.00
C TYR A 151 8.31 -0.19 18.29
N PRO A 152 8.47 -0.72 19.51
CA PRO A 152 7.78 -1.96 19.90
C PRO A 152 6.27 -1.82 19.80
N ASP A 153 5.60 -2.81 19.23
CA ASP A 153 4.15 -2.75 19.07
C ASP A 153 3.47 -3.83 19.92
N GLU A 154 2.20 -3.60 20.23
CA GLU A 154 1.41 -4.52 21.07
C GLU A 154 2.00 -4.72 22.47
N SER A 155 3.28 -5.06 22.54
CA SER A 155 3.98 -5.24 23.81
C SER A 155 4.18 -3.90 24.51
N GLU A 156 4.21 -2.82 23.73
CA GLU A 156 4.39 -1.48 24.29
C GLU A 156 3.14 -1.00 25.00
N ALA A 157 1.99 -1.49 24.57
CA ALA A 157 0.73 -1.17 25.22
C ALA A 157 0.63 -1.90 26.55
N LEU A 158 1.04 -3.16 26.56
CA LEU A 158 1.10 -3.95 27.78
C LEU A 158 2.54 -4.04 28.26
N ARG A 159 3.20 -2.89 28.37
CA ARG A 159 4.61 -2.81 28.71
C ARG A 159 4.88 -3.03 30.19
N LYS A 160 3.91 -2.68 31.03
CA LYS A 160 4.04 -2.83 32.48
C LYS A 160 4.37 -4.28 32.85
N ASN A 161 5.33 -4.47 33.76
CA ASN A 161 5.99 -3.37 34.46
C ASN A 161 7.22 -2.82 33.74
N GLU A 162 7.74 -1.71 34.27
CA GLU A 162 8.89 -1.02 33.68
C GLU A 162 10.16 -1.88 33.68
N GLY A 163 10.35 -2.66 34.74
CA GLY A 163 11.53 -3.48 34.88
C GLY A 163 11.69 -4.52 33.77
N ASP A 164 10.63 -5.28 33.52
CA ASP A 164 10.67 -6.34 32.51
C ASP A 164 10.72 -5.77 31.10
N PHE A 165 10.17 -4.57 30.92
CA PHE A 165 10.19 -3.91 29.63
C PHE A 165 11.60 -3.50 29.26
N ARG A 166 12.34 -3.01 30.24
CA ARG A 166 13.73 -2.64 30.05
C ARG A 166 14.56 -3.87 29.67
N PHE A 167 14.26 -5.00 30.31
CA PHE A 167 14.97 -6.24 30.05
C PHE A 167 14.62 -6.79 28.66
N PHE A 168 13.38 -6.58 28.25
CA PHE A 168 12.94 -6.95 26.90
C PHE A 168 13.72 -6.18 25.84
N LEU A 169 13.86 -4.87 26.07
CA LEU A 169 14.59 -4.00 25.16
C LEU A 169 16.06 -4.40 25.06
N GLU A 170 16.69 -4.60 26.21
CA GLU A 170 18.10 -4.99 26.26
C GLU A 170 18.32 -6.32 25.56
N SER A 171 17.40 -7.25 25.78
CA SER A 171 17.48 -8.56 25.15
CA SER A 171 17.47 -8.57 25.14
C SER A 171 17.47 -8.44 23.63
N ARG A 172 16.60 -7.59 23.11
CA ARG A 172 16.52 -7.32 21.68
C ARG A 172 17.83 -6.73 21.14
N LEU A 173 18.41 -5.82 21.91
CA LEU A 173 19.69 -5.20 21.53
C LEU A 173 20.83 -6.21 21.54
N ASN A 174 20.84 -7.08 22.55
CA ASN A 174 21.84 -8.13 22.65
C ASN A 174 21.78 -9.08 21.44
N LYS A 175 20.57 -9.47 21.08
CA LYS A 175 20.35 -10.32 19.92
C LYS A 175 20.83 -9.60 18.65
N LEU A 176 20.54 -8.31 18.56
CA LEU A 176 21.01 -7.50 17.42
C LEU A 176 22.54 -7.45 17.39
N TYR A 177 23.15 -7.38 18.57
CA TYR A 177 24.60 -7.39 18.68
C TYR A 177 25.17 -8.69 18.13
N GLU A 178 24.61 -9.80 18.59
CA GLU A 178 25.09 -11.12 18.18
C GLU A 178 24.99 -11.31 16.67
N GLU A 179 23.87 -10.89 16.09
CA GLU A 179 23.67 -11.04 14.65
C GLU A 179 24.55 -10.08 13.84
N ALA A 180 24.97 -8.99 14.46
CA ALA A 180 25.87 -8.05 13.81
C ALA A 180 27.27 -8.66 13.66
N LEU A 181 27.59 -9.63 14.52
CA LEU A 181 28.86 -10.33 14.44
C LEU A 181 28.89 -11.25 13.24
N LYS A 182 27.71 -11.67 12.78
CA LYS A 182 27.61 -12.52 11.61
C LYS A 182 27.55 -11.71 10.32
N LYS A 183 28.14 -10.51 10.33
CA LYS A 183 28.11 -9.65 9.15
C LYS A 183 29.16 -10.08 8.11
N GLU A 184 28.79 -9.95 6.84
CA GLU A 184 29.68 -10.30 5.75
C GLU A 184 30.66 -9.16 5.50
N ASP A 185 30.12 -7.97 5.24
CA ASP A 185 30.94 -6.79 4.99
C ASP A 185 30.56 -5.64 5.93
N PHE A 186 29.54 -4.89 5.57
CA PHE A 186 29.10 -3.76 6.39
C PHE A 186 27.88 -4.12 7.22
N ALA A 187 27.79 -3.53 8.41
CA ALA A 187 26.62 -3.70 9.26
C ALA A 187 26.13 -2.33 9.73
N ILE A 188 24.84 -2.08 9.56
CA ILE A 188 24.25 -0.82 9.96
C ILE A 188 23.08 -1.02 10.92
N PHE A 189 23.08 -0.25 12.00
CA PHE A 189 22.00 -0.27 12.99
C PHE A 189 21.01 0.84 12.64
N MET A 190 19.72 0.53 12.70
CA MET A 190 18.69 1.53 12.50
C MET A 190 17.70 1.49 13.65
N GLY A 191 17.50 2.63 14.30
CA GLY A 191 16.63 2.69 15.47
C GLY A 191 15.68 3.88 15.49
N HIS A 192 14.50 3.66 16.05
CA HIS A 192 13.53 4.72 16.23
C HIS A 192 13.17 4.82 17.69
N PHE A 193 13.91 5.66 18.41
CA PHE A 193 13.70 5.86 19.84
C PHE A 193 14.42 7.10 20.34
N THR A 194 14.28 7.39 21.62
CA THR A 194 14.97 8.52 22.24
C THR A 194 16.17 8.05 23.06
N VAL A 195 17.36 8.52 22.68
CA VAL A 195 18.56 8.20 23.43
C VAL A 195 18.50 8.83 24.81
N GLU A 196 18.81 8.03 25.84
CA GLU A 196 18.79 8.51 27.21
C GLU A 196 19.73 9.68 27.43
N GLY A 197 19.23 10.74 28.07
CA GLY A 197 20.06 11.87 28.45
C GLY A 197 20.16 12.97 27.41
N LEU A 198 19.14 13.09 26.57
CA LEU A 198 19.12 14.16 25.58
C LEU A 198 18.92 15.52 26.25
N ALA A 199 19.33 16.59 25.56
CA ALA A 199 19.29 17.93 26.14
C ALA A 199 19.04 19.01 25.09
N GLY A 200 17.79 19.17 24.68
CA GLY A 200 17.43 20.18 23.70
C GLY A 200 16.00 20.04 23.21
N TYR A 201 15.83 19.44 22.05
CA TYR A 201 14.49 19.20 21.51
C TYR A 201 14.39 17.87 20.75
N ALA A 202 14.32 16.72 21.41
CA ALA A 202 14.42 16.51 22.88
C ALA A 202 13.50 17.31 23.80
N GLY A 203 12.20 17.20 23.58
CA GLY A 203 11.23 17.90 24.41
C GLY A 203 9.79 17.50 24.16
N ILE A 204 9.52 16.99 22.96
CA ILE A 204 8.15 16.70 22.54
C ILE A 204 8.09 15.67 21.39
N GLU A 205 7.39 14.53 21.50
CA GLU A 205 6.62 14.03 22.67
C GLU A 205 5.34 14.82 23.04
N GLN A 206 4.35 14.21 23.69
CA GLN A 206 4.22 12.78 23.96
C GLN A 206 2.72 12.46 23.88
N GLY A 207 2.35 11.25 23.48
CA GLY A 207 3.30 10.22 23.05
C GLY A 207 3.69 9.27 24.17
N ARG A 208 4.28 8.14 23.77
CA ARG A 208 4.88 7.21 24.71
C ARG A 208 6.23 6.81 24.12
N GLU A 209 7.32 7.21 24.77
CA GLU A 209 8.63 7.10 24.16
C GLU A 209 9.52 5.99 24.72
N ILE A 210 10.37 5.46 23.85
CA ILE A 210 11.32 4.41 24.21
C ILE A 210 12.67 5.03 24.54
N ILE A 211 13.07 4.95 25.81
CA ILE A 211 14.35 5.50 26.23
C ILE A 211 15.40 4.41 26.26
N ILE A 212 16.52 4.66 25.57
CA ILE A 212 17.58 3.66 25.46
C ILE A 212 18.96 4.28 25.66
N ASN A 213 19.76 3.69 26.55
CA ASN A 213 21.12 4.13 26.78
C ASN A 213 21.99 3.92 25.54
N ARG A 214 22.75 4.94 25.17
CA ARG A 214 23.55 4.92 23.95
C ARG A 214 24.64 3.86 23.97
N ALA A 215 25.02 3.41 25.16
CA ALA A 215 26.06 2.40 25.31
C ALA A 215 25.55 1.01 24.97
N LEU A 216 24.23 0.87 24.84
CA LEU A 216 23.62 -0.42 24.54
C LEU A 216 23.52 -0.66 23.03
N ILE A 217 23.68 0.39 22.25
CA ILE A 217 23.72 0.26 20.80
C ILE A 217 24.96 -0.53 20.39
N PRO A 218 24.74 -1.68 19.71
CA PRO A 218 25.78 -2.64 19.32
C PRO A 218 27.03 -1.96 18.79
N SER A 219 28.11 -2.02 19.56
CA SER A 219 29.33 -1.29 19.25
C SER A 219 30.03 -1.80 17.98
N VAL A 220 29.65 -3.00 17.55
CA VAL A 220 30.31 -3.63 16.42
C VAL A 220 29.66 -3.32 15.07
N VAL A 221 28.77 -2.33 15.05
CA VAL A 221 28.20 -1.87 13.78
C VAL A 221 29.08 -0.77 13.20
N ASP A 222 29.01 -0.59 11.88
CA ASP A 222 29.80 0.44 11.21
C ASP A 222 29.13 1.80 11.31
N TYR A 223 27.83 1.80 11.52
CA TYR A 223 27.07 3.05 11.63
C TYR A 223 25.74 2.83 12.34
N ALA A 224 25.34 3.82 13.14
CA ALA A 224 24.09 3.74 13.87
C ALA A 224 23.17 4.87 13.44
N ALA A 225 22.18 4.53 12.61
CA ALA A 225 21.26 5.50 12.04
C ALA A 225 19.98 5.61 12.87
N LEU A 226 19.78 6.78 13.49
CA LEU A 226 18.63 6.97 14.37
C LEU A 226 17.62 7.96 13.83
N GLY A 227 16.40 7.91 14.35
CA GLY A 227 15.35 8.86 14.00
C GLY A 227 14.46 9.08 15.19
N HIS A 228 13.47 9.97 15.02
CA HIS A 228 12.44 10.37 16.01
C HIS A 228 12.61 11.78 16.57
N ILE A 229 13.85 12.24 16.75
CA ILE A 229 14.05 13.61 17.22
C ILE A 229 14.36 14.58 16.08
N HIS A 230 13.84 15.81 16.20
CA HIS A 230 13.87 16.77 15.10
C HIS A 230 15.21 17.48 14.92
N SER A 231 16.06 17.42 15.94
CA SER A 231 17.34 18.13 15.91
C SER A 231 18.50 17.22 15.56
N PHE A 232 19.39 17.68 14.70
CA PHE A 232 20.60 16.95 14.38
C PHE A 232 21.45 16.76 15.63
N ARG A 233 21.84 15.51 15.89
CA ARG A 233 22.69 15.20 17.02
C ARG A 233 23.70 14.13 16.63
N GLU A 234 24.98 14.40 16.90
CA GLU A 234 25.98 13.34 16.83
C GLU A 234 26.09 12.71 18.22
N ILE A 235 25.40 11.59 18.40
CA ILE A 235 25.31 10.93 19.71
C ILE A 235 26.65 10.41 20.21
N GLN A 236 27.38 9.71 19.35
CA GLN A 236 28.72 9.22 19.68
C GLN A 236 29.50 8.90 18.41
N LYS A 237 30.78 8.56 18.58
CA LYS A 237 31.65 8.34 17.43
C LYS A 237 32.00 6.85 17.25
N GLN A 238 31.85 6.06 18.30
CA GLN A 238 32.15 4.64 18.25
C GLN A 238 31.11 3.84 19.02
N PRO A 239 30.13 3.26 18.31
CA PRO A 239 29.98 3.40 16.86
C PRO A 239 29.34 4.75 16.50
N LEU A 240 29.67 5.27 15.33
CA LEU A 240 29.12 6.55 14.88
C LEU A 240 27.60 6.49 14.90
N THR A 241 27.01 7.37 15.71
CA THR A 241 25.57 7.37 15.93
C THR A 241 25.02 8.77 15.69
N ILE A 242 24.04 8.89 14.79
CA ILE A 242 23.55 10.19 14.37
C ILE A 242 22.02 10.27 14.20
N TYR A 243 21.41 11.29 14.80
CA TYR A 243 20.08 11.74 14.40
C TYR A 243 20.28 12.82 13.35
N PRO A 244 19.71 12.63 12.15
CA PRO A 244 19.86 13.64 11.10
C PRO A 244 19.02 14.88 11.40
N GLY A 245 17.89 14.67 12.07
CA GLY A 245 16.95 15.75 12.34
C GLY A 245 15.92 15.88 11.24
N SER A 246 14.90 16.71 11.47
CA SER A 246 13.90 17.00 10.46
C SER A 246 14.48 17.92 9.38
N LEU A 247 13.72 18.11 8.30
CA LEU A 247 14.19 18.90 7.17
C LEU A 247 13.67 20.33 7.22
N ILE A 248 12.60 20.54 7.98
CA ILE A 248 12.09 21.88 8.21
C ILE A 248 11.98 22.13 9.71
N ARG A 249 11.88 23.40 10.09
CA ARG A 249 11.66 23.76 11.48
C ARG A 249 10.16 23.67 11.76
N ILE A 250 9.76 22.59 12.44
CA ILE A 250 8.34 22.30 12.64
C ILE A 250 7.65 23.29 13.57
N ASP A 251 8.27 23.58 14.70
CA ASP A 251 7.74 24.58 15.62
C ASP A 251 8.86 25.41 16.21
N PHE A 252 8.51 26.42 17.02
CA PHE A 252 9.48 27.41 17.46
C PHE A 252 10.52 26.90 18.47
N GLY A 253 10.36 25.65 18.91
CA GLY A 253 11.37 25.02 19.74
C GLY A 253 12.56 24.57 18.90
N GLU A 254 12.40 24.66 17.57
CA GLU A 254 13.45 24.27 16.64
C GLU A 254 14.04 25.49 15.94
N GLU A 255 14.07 26.61 16.66
CA GLU A 255 14.54 27.89 16.11
C GLU A 255 16.05 27.90 15.89
N ALA A 256 16.79 27.37 16.86
CA ALA A 256 18.25 27.38 16.81
C ALA A 256 18.79 26.10 16.19
N ASP A 257 17.88 25.19 15.82
CA ASP A 257 18.24 23.93 15.21
C ASP A 257 18.90 24.11 13.86
N GLU A 258 19.73 23.14 13.47
CA GLU A 258 20.23 23.05 12.11
C GLU A 258 19.58 21.86 11.44
N LYS A 259 18.93 22.11 10.31
CA LYS A 259 18.10 21.09 9.67
C LYS A 259 18.72 20.55 8.39
N GLY A 260 18.60 19.24 8.19
CA GLY A 260 19.08 18.62 6.96
C GLY A 260 19.26 17.11 7.05
N ALA A 261 20.06 16.57 6.14
CA ALA A 261 20.35 15.15 6.13
C ALA A 261 21.83 14.93 6.42
N VAL A 262 22.26 13.68 6.37
CA VAL A 262 23.65 13.32 6.66
C VAL A 262 24.22 12.39 5.59
N PHE A 263 25.42 12.72 5.11
CA PHE A 263 26.15 11.86 4.18
C PHE A 263 27.26 11.16 4.95
N VAL A 264 27.30 9.83 4.86
CA VAL A 264 28.29 9.03 5.59
C VAL A 264 29.10 8.18 4.63
N GLU A 265 30.41 8.14 4.82
CA GLU A 265 31.27 7.26 4.03
C GLU A 265 32.01 6.27 4.93
N LEU A 266 31.94 4.99 4.57
CA LEU A 266 32.59 3.94 5.34
C LEU A 266 33.71 3.28 4.53
N LYS A 267 34.84 3.06 5.16
CA LYS A 267 35.93 2.29 4.58
C LYS A 267 36.41 1.28 5.61
N ARG A 268 36.56 0.03 5.19
CA ARG A 268 36.79 -1.08 6.12
C ARG A 268 38.08 -0.97 6.92
N GLY A 269 39.01 -0.12 6.49
CA GLY A 269 40.25 0.07 7.20
C GLY A 269 40.29 1.37 7.98
N GLU A 270 39.60 2.38 7.46
CA GLU A 270 39.62 3.72 8.03
C GLU A 270 38.42 3.96 8.95
N PRO A 271 38.50 5.00 9.79
CA PRO A 271 37.32 5.39 10.59
C PRO A 271 36.26 6.08 9.74
N PRO A 272 34.99 5.96 10.12
CA PRO A 272 33.88 6.55 9.36
C PRO A 272 33.92 8.08 9.39
N ARG A 273 33.66 8.70 8.24
CA ARG A 273 33.56 10.15 8.16
C ARG A 273 32.19 10.55 7.65
N TYR A 274 31.73 11.73 8.06
CA TYR A 274 30.43 12.21 7.62
C TYR A 274 30.37 13.72 7.41
N GLU A 275 29.57 14.15 6.44
CA GLU A 275 29.34 15.56 6.21
C GLU A 275 27.84 15.83 6.35
N ARG A 276 27.49 16.98 6.92
CA ARG A 276 26.10 17.38 6.99
C ARG A 276 25.61 17.92 5.65
N ILE A 277 24.42 17.50 5.25
CA ILE A 277 23.77 18.07 4.07
C ILE A 277 22.67 19.02 4.53
N ASP A 278 22.93 20.31 4.46
CA ASP A 278 22.01 21.29 5.00
C ASP A 278 20.83 21.54 4.06
N ALA A 279 19.62 21.51 4.62
CA ALA A 279 18.41 21.67 3.84
C ALA A 279 18.09 23.16 3.63
N SER A 280 18.74 24.00 4.43
CA SER A 280 18.49 25.45 4.42
C SER A 280 17.00 25.80 4.42
N PRO A 281 16.28 25.41 5.49
CA PRO A 281 14.85 25.69 5.56
C PRO A 281 14.60 27.11 6.05
N LEU A 282 13.34 27.53 6.00
CA LEU A 282 12.98 28.86 6.48
C LEU A 282 13.32 29.02 7.95
N PRO A 283 13.85 30.20 8.33
CA PRO A 283 14.21 30.43 9.73
C PRO A 283 12.98 30.70 10.58
N LEU A 284 13.10 30.52 11.88
CA LEU A 284 12.03 30.86 12.81
C LEU A 284 12.58 31.87 13.82
N LYS A 285 11.70 32.71 14.35
CA LYS A 285 12.13 33.67 15.36
C LYS A 285 11.04 33.96 16.39
N THR A 286 11.43 33.99 17.65
CA THR A 286 10.51 34.39 18.71
C THR A 286 10.92 35.74 19.27
N LEU A 287 9.97 36.67 19.27
CA LEU A 287 10.19 38.00 19.83
C LEU A 287 9.55 38.06 21.22
N TYR A 288 10.30 38.53 22.21
CA TYR A 288 9.83 38.57 23.59
C TYR A 288 9.58 39.99 24.09
N TYR A 289 8.42 40.20 24.71
CA TYR A 289 8.08 41.50 25.30
C TYR A 289 7.28 41.33 26.58
N LYS A 290 7.35 42.31 27.46
CA LYS A 290 6.51 42.32 28.65
C LYS A 290 5.09 42.65 28.22
N LYS A 291 4.93 43.84 27.63
CA LYS A 291 3.66 44.24 27.05
C LYS A 291 3.90 44.67 25.61
N ILE A 292 2.88 44.53 24.78
CA ILE A 292 2.97 45.05 23.43
C ILE A 292 2.63 46.54 23.44
N ASP A 293 3.62 47.35 23.82
CA ASP A 293 3.45 48.79 23.84
C ASP A 293 3.90 49.40 22.52
N THR A 294 4.01 50.72 22.48
CA THR A 294 4.38 51.41 21.24
C THR A 294 5.79 51.02 20.78
N SER A 295 6.69 50.85 21.75
CA SER A 295 8.06 50.45 21.43
C SER A 295 8.09 49.03 20.88
N ALA A 296 7.28 48.14 21.46
CA ALA A 296 7.22 46.76 21.02
C ALA A 296 6.66 46.66 19.61
N LEU A 297 5.66 47.48 19.32
CA LEU A 297 5.06 47.54 17.98
C LEU A 297 6.11 47.94 16.95
N LYS A 298 6.93 48.92 17.31
CA LYS A 298 8.01 49.36 16.43
C LYS A 298 9.00 48.22 16.23
N SER A 299 9.29 47.49 17.30
CA SER A 299 10.24 46.38 17.24
C SER A 299 9.72 45.23 16.37
N ILE A 300 8.47 44.84 16.59
CA ILE A 300 7.86 43.74 15.86
C ILE A 300 7.75 44.00 14.37
N ARG A 301 7.20 45.16 14.01
CA ARG A 301 7.03 45.53 12.61
C ARG A 301 8.37 45.64 11.89
N ASP A 302 9.36 46.21 12.57
CA ASP A 302 10.70 46.37 11.99
C ASP A 302 11.36 45.04 11.69
N PHE A 303 11.27 44.10 12.63
CA PHE A 303 11.93 42.82 12.47
C PHE A 303 11.29 41.98 11.36
N CYS A 304 9.97 41.85 11.42
CA CYS A 304 9.26 40.99 10.47
C CYS A 304 9.35 41.50 9.03
N ARG A 305 9.67 42.78 8.88
CA ARG A 305 9.68 43.45 7.59
C ARG A 305 10.41 42.67 6.49
N ASN A 306 11.69 42.38 6.71
CA ASN A 306 12.45 41.65 5.71
C ASN A 306 12.94 40.28 6.20
N PHE A 307 12.33 39.79 7.27
CA PHE A 307 12.62 38.45 7.78
C PHE A 307 11.99 37.41 6.88
N PRO A 308 12.80 36.49 6.35
CA PRO A 308 12.34 35.52 5.34
C PRO A 308 11.59 34.32 5.91
N GLY A 309 11.55 34.19 7.24
CA GLY A 309 10.89 33.06 7.86
C GLY A 309 9.63 33.42 8.64
N TYR A 310 9.23 32.55 9.57
CA TYR A 310 8.02 32.78 10.34
C TYR A 310 8.33 33.29 11.75
N VAL A 311 7.49 34.19 12.25
CA VAL A 311 7.76 34.85 13.51
C VAL A 311 6.70 34.55 14.56
N ARG A 312 7.14 34.32 15.80
CA ARG A 312 6.23 34.23 16.94
C ARG A 312 6.50 35.37 17.92
N VAL A 313 5.43 35.97 18.43
CA VAL A 313 5.56 37.01 19.45
C VAL A 313 5.05 36.47 20.79
N VAL A 314 5.89 36.62 21.82
CA VAL A 314 5.52 36.20 23.16
C VAL A 314 5.45 37.41 24.09
N TYR A 315 4.33 37.56 24.77
CA TYR A 315 4.17 38.65 25.72
C TYR A 315 3.46 38.19 27.00
N GLU A 316 3.53 39.01 28.04
CA GLU A 316 3.05 38.60 29.35
C GLU A 316 1.65 39.12 29.67
N GLU A 317 1.43 40.42 29.45
CA GLU A 317 0.18 41.04 29.87
C GLU A 317 -0.51 41.85 28.78
N ASP A 318 -1.83 41.69 28.68
CA ASP A 318 -2.63 42.54 27.83
C ASP A 318 -2.60 43.98 28.34
N SER A 319 -2.64 44.94 27.44
CA SER A 319 -2.60 46.35 27.81
C SER A 319 -3.37 47.20 26.82
N GLY A 320 -4.60 46.77 26.50
CA GLY A 320 -5.43 47.48 25.55
C GLY A 320 -5.66 46.64 24.31
N ILE A 321 -6.50 47.13 23.41
CA ILE A 321 -6.84 46.40 22.20
C ILE A 321 -5.62 46.30 21.27
N LEU A 322 -5.26 45.08 20.91
CA LEU A 322 -4.13 44.85 20.04
C LEU A 322 -4.51 45.16 18.60
N PRO A 323 -3.62 45.86 17.87
CA PRO A 323 -3.83 46.11 16.43
C PRO A 323 -3.80 44.81 15.64
N ASP A 324 -4.48 44.78 14.50
CA ASP A 324 -4.48 43.60 13.64
C ASP A 324 -3.08 43.33 13.10
N LEU A 325 -2.22 42.75 13.94
CA LEU A 325 -0.84 42.50 13.56
C LEU A 325 -0.70 41.37 12.55
N MET A 326 -1.55 40.36 12.65
CA MET A 326 -1.53 39.26 11.70
C MET A 326 -2.10 39.70 10.35
N GLY A 327 -2.74 40.87 10.33
CA GLY A 327 -3.25 41.43 9.10
C GLY A 327 -2.19 42.19 8.33
N GLU A 328 -1.44 43.04 9.05
CA GLU A 328 -0.40 43.85 8.41
C GLU A 328 0.90 43.08 8.26
N ILE A 329 1.04 41.99 9.00
CA ILE A 329 2.26 41.19 8.95
C ILE A 329 1.96 39.74 8.59
N ASP A 330 2.10 39.41 7.31
CA ASP A 330 1.82 38.06 6.82
C ASP A 330 2.82 37.04 7.35
N ASN A 331 3.92 37.55 7.90
CA ASN A 331 4.98 36.73 8.45
C ASN A 331 4.65 36.19 9.85
N LEU A 332 3.85 36.95 10.58
CA LEU A 332 3.52 36.64 11.97
C LEU A 332 2.49 35.52 12.06
N VAL A 333 2.84 34.43 12.74
CA VAL A 333 1.97 33.26 12.76
C VAL A 333 1.46 32.90 14.15
N LYS A 334 1.90 33.63 15.17
CA LYS A 334 1.54 33.30 16.54
C LYS A 334 1.83 34.42 17.53
N ILE A 335 0.79 34.88 18.22
CA ILE A 335 0.92 35.83 19.31
C ILE A 335 0.32 35.19 20.54
N GLU A 336 0.45 33.87 20.62
CA GLU A 336 -0.15 33.05 21.68
C GLU A 336 -1.67 33.18 21.72
N LEU B 16 6.84 -11.94 -30.52
CA LEU B 16 6.38 -13.29 -30.83
C LEU B 16 5.08 -13.26 -31.62
N LYS B 17 4.49 -14.44 -31.85
CA LYS B 17 3.25 -14.54 -32.58
C LYS B 17 2.23 -15.42 -31.84
N GLU B 18 2.59 -15.87 -30.66
CA GLU B 18 1.69 -16.61 -29.78
C GLU B 18 1.50 -15.87 -28.47
N LEU B 19 0.51 -16.29 -27.68
CA LEU B 19 0.26 -15.68 -26.39
C LEU B 19 -0.65 -16.55 -25.52
N LYS B 20 -0.07 -17.11 -24.45
CA LYS B 20 -0.84 -17.90 -23.48
C LYS B 20 -1.30 -17.04 -22.31
N ILE B 21 -2.60 -17.06 -22.03
CA ILE B 21 -3.19 -16.20 -21.03
C ILE B 21 -3.92 -16.97 -19.93
N LEU B 22 -3.68 -16.57 -18.69
CA LEU B 22 -4.50 -17.05 -17.57
C LEU B 22 -5.40 -15.90 -17.11
N HIS B 23 -6.70 -16.07 -17.29
CA HIS B 23 -7.66 -15.05 -16.91
C HIS B 23 -8.56 -15.54 -15.79
N THR B 24 -8.41 -14.94 -14.61
CA THR B 24 -9.25 -15.24 -13.47
C THR B 24 -9.76 -13.94 -12.85
N SER B 25 -10.87 -14.04 -12.13
CA SER B 25 -11.57 -12.84 -11.69
C SER B 25 -12.48 -13.12 -10.49
N ASP B 26 -12.96 -12.05 -9.88
CA ASP B 26 -14.00 -12.13 -8.85
C ASP B 26 -13.69 -13.11 -7.72
N TRP B 27 -12.51 -12.96 -7.11
CA TRP B 27 -12.08 -13.83 -6.02
C TRP B 27 -12.93 -13.61 -4.78
N HIS B 28 -13.29 -12.36 -4.52
CA HIS B 28 -14.06 -11.99 -3.32
C HIS B 28 -13.38 -12.41 -2.04
N LEU B 29 -12.07 -12.17 -1.96
CA LEU B 29 -11.32 -12.48 -0.75
C LEU B 29 -11.88 -11.71 0.45
N GLY B 30 -11.97 -12.38 1.59
CA GLY B 30 -12.49 -11.77 2.80
C GLY B 30 -13.97 -12.02 3.01
N VAL B 31 -14.60 -12.73 2.07
CA VAL B 31 -16.03 -12.95 2.12
C VAL B 31 -16.47 -13.91 3.23
N THR B 32 -17.55 -13.53 3.93
CA THR B 32 -18.19 -14.42 4.87
C THR B 32 -19.63 -14.62 4.42
N SER B 33 -19.96 -15.85 4.06
CA SER B 33 -21.27 -16.14 3.47
C SER B 33 -22.36 -16.37 4.52
N TRP B 34 -23.59 -16.02 4.16
CA TRP B 34 -24.77 -16.28 4.99
C TRP B 34 -24.64 -15.70 6.39
N THR B 35 -24.25 -14.43 6.47
CA THR B 35 -24.02 -13.76 7.75
C THR B 35 -25.28 -13.69 8.61
N SER B 36 -26.40 -13.37 7.97
CA SER B 36 -27.66 -13.22 8.69
C SER B 36 -28.21 -14.57 9.15
N SER B 37 -27.69 -15.65 8.59
CA SER B 37 -28.14 -16.99 8.94
C SER B 37 -27.09 -17.71 9.77
N ARG B 38 -26.20 -18.44 9.09
CA ARG B 38 -25.06 -19.05 9.75
C ARG B 38 -23.78 -18.64 9.04
N PRO B 39 -23.09 -17.63 9.57
CA PRO B 39 -21.89 -17.07 8.93
C PRO B 39 -20.82 -18.13 8.72
N VAL B 40 -20.30 -18.22 7.50
CA VAL B 40 -19.27 -19.18 7.15
C VAL B 40 -18.10 -18.47 6.48
N ASP B 41 -16.93 -18.53 7.11
CA ASP B 41 -15.72 -17.93 6.56
C ASP B 41 -15.21 -18.79 5.40
N ARG B 42 -15.26 -18.26 4.19
CA ARG B 42 -14.92 -19.02 2.99
C ARG B 42 -13.42 -19.02 2.68
N ARG B 43 -12.61 -18.51 3.59
CA ARG B 43 -11.17 -18.30 3.35
C ARG B 43 -10.42 -19.57 2.97
N GLU B 44 -10.55 -20.61 3.79
CA GLU B 44 -9.85 -21.86 3.55
C GLU B 44 -10.20 -22.46 2.19
N GLU B 45 -11.50 -22.52 1.91
CA GLU B 45 -11.96 -23.05 0.64
C GLU B 45 -11.45 -22.22 -0.53
N LEU B 46 -11.53 -20.90 -0.37
CA LEU B 46 -11.13 -19.98 -1.43
C LEU B 46 -9.64 -20.08 -1.73
N LYS B 47 -8.84 -20.25 -0.68
CA LYS B 47 -7.40 -20.38 -0.84
C LYS B 47 -7.02 -21.65 -1.59
N LYS B 48 -7.70 -22.75 -1.27
CA LYS B 48 -7.47 -24.01 -1.98
C LYS B 48 -7.78 -23.86 -3.46
N ALA B 49 -8.88 -23.17 -3.76
CA ALA B 49 -9.26 -22.91 -5.15
C ALA B 49 -8.22 -22.03 -5.82
N LEU B 50 -7.76 -21.01 -5.10
CA LEU B 50 -6.71 -20.13 -5.61
C LEU B 50 -5.42 -20.90 -5.84
N ASP B 51 -5.07 -21.80 -4.91
CA ASP B 51 -3.86 -22.60 -5.02
C ASP B 51 -3.90 -23.48 -6.27
N LYS B 52 -5.09 -24.01 -6.57
CA LYS B 52 -5.27 -24.88 -7.72
C LYS B 52 -5.14 -24.12 -9.03
N VAL B 53 -5.62 -22.87 -9.04
CA VAL B 53 -5.50 -22.04 -10.22
C VAL B 53 -4.06 -21.64 -10.48
N VAL B 54 -3.34 -21.28 -9.42
CA VAL B 54 -1.92 -20.94 -9.53
C VAL B 54 -1.11 -22.12 -10.07
N GLU B 55 -1.36 -23.31 -9.53
CA GLU B 55 -0.67 -24.52 -9.96
C GLU B 55 -0.87 -24.79 -11.44
N GLU B 56 -2.08 -24.57 -11.94
CA GLU B 56 -2.39 -24.81 -13.34
C GLU B 56 -1.78 -23.75 -14.27
N ALA B 57 -1.52 -22.57 -13.73
CA ALA B 57 -0.86 -21.52 -14.50
C ALA B 57 0.63 -21.84 -14.64
N GLU B 58 1.20 -22.49 -13.62
CA GLU B 58 2.58 -22.91 -13.65
C GLU B 58 2.77 -24.06 -14.62
N LYS B 59 1.89 -25.04 -14.54
CA LYS B 59 1.93 -26.22 -15.42
C LYS B 59 1.86 -25.83 -16.89
N ARG B 60 0.86 -25.02 -17.24
CA ARG B 60 0.65 -24.60 -18.62
C ARG B 60 1.67 -23.54 -19.05
N GLU B 61 2.44 -23.05 -18.09
CA GLU B 61 3.49 -22.06 -18.36
C GLU B 61 2.98 -20.86 -19.15
N VAL B 62 2.03 -20.13 -18.57
CA VAL B 62 1.39 -19.02 -19.25
C VAL B 62 2.33 -17.84 -19.45
N ASP B 63 1.99 -16.97 -20.40
CA ASP B 63 2.79 -15.78 -20.68
C ASP B 63 2.27 -14.55 -19.96
N LEU B 64 0.96 -14.53 -19.69
CA LEU B 64 0.35 -13.34 -19.12
C LEU B 64 -0.85 -13.72 -18.23
N ILE B 65 -0.95 -13.05 -17.08
CA ILE B 65 -2.06 -13.30 -16.17
C ILE B 65 -2.94 -12.06 -16.06
N LEU B 66 -4.22 -12.23 -16.36
CA LEU B 66 -5.17 -11.11 -16.33
C LEU B 66 -6.12 -11.24 -15.16
N LEU B 67 -6.20 -10.19 -14.36
CA LEU B 67 -7.09 -10.17 -13.20
C LEU B 67 -8.12 -9.06 -13.35
N THR B 68 -9.39 -9.45 -13.35
CA THR B 68 -10.48 -8.48 -13.40
C THR B 68 -11.41 -8.73 -12.23
N GLY B 69 -12.58 -8.11 -12.26
CA GLY B 69 -13.57 -8.33 -11.23
C GLY B 69 -13.16 -7.86 -9.85
N ASP B 70 -13.88 -8.32 -8.84
CA ASP B 70 -13.64 -7.91 -7.47
C ASP B 70 -12.82 -8.96 -6.75
N LEU B 71 -11.51 -8.72 -6.67
CA LEU B 71 -10.62 -9.64 -5.97
C LEU B 71 -10.86 -9.57 -4.47
N LEU B 72 -11.34 -8.42 -4.01
CA LEU B 72 -11.74 -8.25 -2.63
C LEU B 72 -13.25 -8.18 -2.53
N HIS B 73 -13.81 -8.80 -1.51
CA HIS B 73 -15.25 -8.81 -1.31
C HIS B 73 -15.75 -7.47 -0.75
N SER B 74 -15.06 -6.98 0.27
CA SER B 74 -15.45 -5.73 0.90
C SER B 74 -15.17 -4.53 0.01
N ARG B 75 -16.19 -3.71 -0.21
CA ARG B 75 -16.08 -2.56 -1.11
C ARG B 75 -15.22 -1.43 -0.54
N ASN B 76 -15.41 -1.12 0.73
CA ASN B 76 -14.76 0.05 1.34
C ASN B 76 -13.85 -0.28 2.52
N ASN B 77 -14.16 -1.33 3.26
CA ASN B 77 -13.36 -1.69 4.43
C ASN B 77 -12.90 -3.15 4.44
N PRO B 78 -11.91 -3.49 3.59
CA PRO B 78 -11.38 -4.85 3.57
C PRO B 78 -10.54 -5.13 4.81
N SER B 79 -10.61 -6.36 5.32
CA SER B 79 -9.85 -6.73 6.51
C SER B 79 -8.37 -6.92 6.18
N VAL B 80 -7.55 -6.92 7.22
CA VAL B 80 -6.11 -7.13 7.08
C VAL B 80 -5.83 -8.51 6.50
N VAL B 81 -6.57 -9.51 6.99
CA VAL B 81 -6.42 -10.88 6.52
C VAL B 81 -6.70 -10.99 5.02
N ALA B 82 -7.76 -10.31 4.57
CA ALA B 82 -8.13 -10.32 3.15
C ALA B 82 -7.08 -9.61 2.30
N LEU B 83 -6.57 -8.48 2.78
CA LEU B 83 -5.54 -7.73 2.07
C LEU B 83 -4.25 -8.52 1.99
N HIS B 84 -3.89 -9.16 3.10
CA HIS B 84 -2.70 -10.00 3.16
C HIS B 84 -2.78 -11.14 2.16
N ASP B 85 -3.95 -11.79 2.11
CA ASP B 85 -4.17 -12.88 1.16
C ASP B 85 -4.10 -12.39 -0.30
N LEU B 86 -4.66 -11.22 -0.55
CA LEU B 86 -4.61 -10.63 -1.89
C LEU B 86 -3.16 -10.41 -2.35
N LEU B 87 -2.41 -9.68 -1.54
CA LEU B 87 -1.01 -9.39 -1.84
C LEU B 87 -0.19 -10.66 -1.96
N ASP B 88 -0.48 -11.63 -1.10
CA ASP B 88 0.19 -12.92 -1.14
C ASP B 88 -0.03 -13.59 -2.49
N TYR B 89 -1.28 -13.65 -2.94
CA TYR B 89 -1.57 -14.32 -4.19
C TYR B 89 -1.13 -13.52 -5.42
N LEU B 90 -1.14 -12.19 -5.32
CA LEU B 90 -0.59 -11.35 -6.39
C LEU B 90 0.88 -11.70 -6.56
N LYS B 91 1.57 -11.84 -5.44
CA LYS B 91 2.98 -12.20 -5.41
C LYS B 91 3.20 -13.56 -6.06
N ARG B 92 2.35 -14.53 -5.74
CA ARG B 92 2.45 -15.87 -6.33
C ARG B 92 2.20 -15.84 -7.83
N MET B 93 1.24 -15.03 -8.26
CA MET B 93 0.97 -14.86 -9.69
C MET B 93 2.19 -14.28 -10.39
N MET B 94 2.80 -13.26 -9.77
CA MET B 94 3.94 -12.57 -10.35
C MET B 94 5.15 -13.47 -10.58
N ARG B 95 5.27 -14.53 -9.78
CA ARG B 95 6.38 -15.47 -9.92
C ARG B 95 6.22 -16.36 -11.14
N THR B 96 5.00 -16.44 -11.66
CA THR B 96 4.71 -17.32 -12.78
C THR B 96 4.70 -16.57 -14.11
N ALA B 97 4.14 -15.37 -14.09
CA ALA B 97 4.02 -14.57 -15.30
C ALA B 97 3.67 -13.12 -14.94
N PRO B 98 4.00 -12.17 -15.82
CA PRO B 98 3.61 -10.77 -15.62
C PRO B 98 2.11 -10.63 -15.40
N VAL B 99 1.71 -9.76 -14.48
CA VAL B 99 0.32 -9.66 -14.08
C VAL B 99 -0.31 -8.31 -14.44
N VAL B 100 -1.51 -8.34 -14.97
CA VAL B 100 -2.25 -7.11 -15.27
C VAL B 100 -3.55 -7.08 -14.49
N VAL B 101 -3.69 -6.07 -13.64
CA VAL B 101 -4.86 -5.97 -12.77
C VAL B 101 -5.76 -4.80 -13.13
N LEU B 102 -7.00 -5.11 -13.46
CA LEU B 102 -8.04 -4.11 -13.61
C LEU B 102 -8.93 -4.15 -12.37
N PRO B 103 -8.81 -3.14 -11.50
CA PRO B 103 -9.58 -3.09 -10.26
C PRO B 103 -11.07 -2.92 -10.50
N GLY B 104 -11.90 -3.48 -9.63
CA GLY B 104 -13.34 -3.31 -9.72
C GLY B 104 -13.77 -1.97 -9.17
N ASN B 105 -15.00 -1.90 -8.67
CA ASN B 105 -15.49 -0.67 -8.07
C ASN B 105 -14.70 -0.28 -6.83
N HIS B 106 -13.58 0.40 -7.05
CA HIS B 106 -12.73 0.87 -5.97
C HIS B 106 -13.41 1.98 -5.17
N ASP B 107 -13.16 2.02 -3.87
CA ASP B 107 -13.79 2.99 -3.00
C ASP B 107 -12.77 3.74 -2.15
N TRP B 108 -11.69 3.04 -1.78
CA TRP B 108 -10.65 3.61 -0.94
C TRP B 108 -9.54 4.24 -1.77
N LYS B 109 -9.39 5.56 -1.62
CA LYS B 109 -8.45 6.34 -2.44
C LYS B 109 -6.99 5.92 -2.35
N GLY B 110 -6.66 5.14 -1.33
CA GLY B 110 -5.31 4.65 -1.16
C GLY B 110 -4.92 3.67 -2.25
N LEU B 111 -5.93 3.00 -2.82
CA LEU B 111 -5.71 1.98 -3.83
C LEU B 111 -5.02 2.53 -5.08
N LYS B 112 -5.41 3.73 -5.50
CA LYS B 112 -4.87 4.32 -6.71
C LYS B 112 -3.37 4.62 -6.58
N LEU B 113 -2.98 5.16 -5.43
CA LEU B 113 -1.57 5.48 -5.18
C LEU B 113 -0.73 4.22 -5.05
N PHE B 114 -1.21 3.26 -4.26
CA PHE B 114 -0.59 1.96 -4.11
C PHE B 114 -0.36 1.30 -5.48
N GLY B 115 -1.41 1.27 -6.30
CA GLY B 115 -1.34 0.64 -7.60
C GLY B 115 -0.34 1.31 -8.52
N ASN B 116 -0.36 2.63 -8.54
CA ASN B 116 0.59 3.40 -9.34
C ASN B 116 2.03 3.15 -8.90
N PHE B 117 2.25 3.17 -7.59
CA PHE B 117 3.58 2.98 -7.03
C PHE B 117 4.12 1.59 -7.36
N VAL B 118 3.31 0.56 -7.11
CA VAL B 118 3.69 -0.82 -7.37
C VAL B 118 3.97 -1.05 -8.86
N THR B 119 3.14 -0.45 -9.72
CA THR B 119 3.32 -0.56 -11.17
C THR B 119 4.65 0.04 -11.62
N SER B 120 5.03 1.16 -11.01
CA SER B 120 6.26 1.86 -11.40
C SER B 120 7.54 1.22 -10.86
N ILE B 121 7.44 0.45 -9.79
CA ILE B 121 8.64 -0.17 -9.20
C ILE B 121 8.82 -1.62 -9.60
N SER B 122 7.88 -2.16 -10.37
CA SER B 122 7.98 -3.56 -10.79
C SER B 122 7.57 -3.74 -12.25
N SER B 123 8.31 -4.59 -12.95
CA SER B 123 8.01 -4.89 -14.34
C SER B 123 7.30 -6.23 -14.45
N ASP B 124 6.73 -6.70 -13.35
CA ASP B 124 6.02 -7.97 -13.33
C ASP B 124 4.54 -7.79 -12.97
N ILE B 125 4.14 -6.54 -12.76
CA ILE B 125 2.74 -6.25 -12.45
C ILE B 125 2.33 -4.83 -12.88
N THR B 126 1.11 -4.72 -13.38
CA THR B 126 0.57 -3.44 -13.82
C THR B 126 -0.87 -3.24 -13.35
N PHE B 127 -1.12 -2.12 -12.70
CA PHE B 127 -2.48 -1.75 -12.30
C PHE B 127 -3.04 -0.70 -13.25
N VAL B 128 -4.09 -1.05 -13.98
CA VAL B 128 -4.75 -0.10 -14.87
C VAL B 128 -5.91 0.59 -14.15
N MET B 129 -5.63 1.78 -13.63
CA MET B 129 -6.58 2.48 -12.76
C MET B 129 -7.57 3.36 -13.53
N SER B 130 -7.27 3.64 -14.80
CA SER B 130 -8.08 4.58 -15.58
C SER B 130 -8.51 4.00 -16.93
N PHE B 131 -9.05 4.87 -17.78
CA PHE B 131 -9.42 4.48 -19.15
C PHE B 131 -8.22 4.58 -20.08
N GLU B 132 -7.11 5.10 -19.56
CA GLU B 132 -5.90 5.28 -20.35
C GLU B 132 -5.28 3.95 -20.73
N PRO B 133 -5.05 3.74 -22.04
CA PRO B 133 -4.41 2.53 -22.57
C PRO B 133 -3.00 2.37 -22.04
N VAL B 134 -2.56 1.13 -21.86
CA VAL B 134 -1.23 0.83 -21.35
C VAL B 134 -0.62 -0.33 -22.13
N ASP B 135 0.63 -0.15 -22.56
CA ASP B 135 1.35 -1.22 -23.24
C ASP B 135 2.21 -1.99 -22.25
N VAL B 136 2.08 -3.30 -22.26
CA VAL B 136 2.86 -4.17 -21.38
C VAL B 136 3.55 -5.25 -22.19
N GLU B 137 4.54 -5.89 -21.58
CA GLU B 137 5.25 -6.98 -22.23
C GLU B 137 5.00 -8.29 -21.52
N ALA B 138 4.59 -9.31 -22.27
CA ALA B 138 4.32 -10.62 -21.70
C ALA B 138 5.61 -11.37 -21.41
N LYS B 139 5.49 -12.61 -20.95
CA LYS B 139 6.62 -13.39 -20.48
C LYS B 139 7.66 -13.65 -21.57
N ARG B 140 7.22 -13.64 -22.83
CA ARG B 140 8.11 -13.94 -23.95
C ARG B 140 8.21 -12.78 -24.94
N GLY B 141 8.18 -11.57 -24.43
CA GLY B 141 8.43 -10.39 -25.26
C GLY B 141 7.22 -9.85 -25.99
N GLN B 142 6.09 -10.54 -25.89
CA GLN B 142 4.88 -10.13 -26.59
C GLN B 142 4.40 -8.75 -26.13
N LYS B 143 4.43 -7.79 -27.03
CA LYS B 143 3.89 -6.46 -26.75
C LYS B 143 2.37 -6.52 -26.74
N VAL B 144 1.77 -6.18 -25.60
CA VAL B 144 0.32 -6.24 -25.47
C VAL B 144 -0.26 -4.87 -25.11
N ARG B 145 -1.22 -4.41 -25.89
CA ARG B 145 -1.91 -3.17 -25.59
C ARG B 145 -3.19 -3.43 -24.80
N ILE B 146 -3.24 -2.88 -23.59
CA ILE B 146 -4.40 -3.04 -22.72
C ILE B 146 -5.38 -1.89 -22.89
N LEU B 147 -6.63 -2.23 -23.23
CA LEU B 147 -7.69 -1.23 -23.33
C LEU B 147 -8.63 -1.38 -22.15
N PRO B 148 -8.39 -0.60 -21.08
CA PRO B 148 -9.12 -0.77 -19.82
C PRO B 148 -10.42 0.02 -19.75
N PHE B 149 -11.44 -0.62 -19.18
CA PHE B 149 -12.72 0.03 -18.97
C PHE B 149 -13.20 -0.25 -17.55
N PRO B 150 -12.66 0.48 -16.57
CA PRO B 150 -13.02 0.28 -15.18
C PRO B 150 -14.35 0.94 -14.83
N TYR B 151 -14.87 0.64 -13.64
CA TYR B 151 -16.02 1.33 -13.11
C TYR B 151 -15.64 2.79 -12.92
N PRO B 152 -16.24 3.69 -13.70
CA PRO B 152 -15.87 5.11 -13.66
C PRO B 152 -16.21 5.73 -12.32
N ASP B 153 -15.28 6.47 -11.72
CA ASP B 153 -15.58 7.20 -10.50
C ASP B 153 -16.50 8.36 -10.84
N GLU B 154 -17.02 9.01 -9.80
CA GLU B 154 -18.07 10.04 -9.93
C GLU B 154 -19.20 9.63 -10.90
N SER B 155 -19.46 8.33 -10.96
CA SER B 155 -20.48 7.78 -11.84
C SER B 155 -21.88 8.24 -11.43
N GLU B 156 -22.02 8.60 -10.16
CA GLU B 156 -23.31 9.06 -9.64
C GLU B 156 -23.52 10.55 -9.91
N ALA B 157 -22.45 11.24 -10.30
CA ALA B 157 -22.52 12.67 -10.56
C ALA B 157 -23.30 12.97 -11.83
N LEU B 158 -23.11 12.15 -12.85
CA LEU B 158 -23.80 12.33 -14.13
C LEU B 158 -24.83 11.24 -14.38
N ARG B 159 -25.14 10.46 -13.34
CA ARG B 159 -26.10 9.37 -13.47
C ARG B 159 -27.53 9.87 -13.47
N LYS B 160 -27.77 11.00 -12.81
CA LYS B 160 -29.10 11.56 -12.70
C LYS B 160 -29.69 11.93 -14.06
N ASN B 161 -28.81 12.22 -15.02
CA ASN B 161 -29.23 12.59 -16.36
C ASN B 161 -29.60 11.38 -17.23
N GLU B 162 -28.84 10.30 -17.08
CA GLU B 162 -28.99 9.09 -17.89
C GLU B 162 -28.61 9.27 -19.37
N GLY B 163 -29.05 10.37 -19.96
CA GLY B 163 -28.78 10.65 -21.36
C GLY B 163 -27.31 10.79 -21.69
N ASP B 164 -26.66 11.84 -21.18
CA ASP B 164 -25.26 12.08 -21.49
C ASP B 164 -24.32 11.11 -20.75
N PHE B 165 -24.85 10.40 -19.78
CA PHE B 165 -24.08 9.38 -19.07
C PHE B 165 -23.77 8.23 -20.02
N ARG B 166 -24.76 7.87 -20.83
CA ARG B 166 -24.55 6.86 -21.86
C ARG B 166 -23.61 7.39 -22.94
N PHE B 167 -23.78 8.66 -23.29
CA PHE B 167 -22.92 9.29 -24.29
C PHE B 167 -21.48 9.35 -23.80
N PHE B 168 -21.31 9.53 -22.49
CA PHE B 168 -19.99 9.56 -21.89
C PHE B 168 -19.30 8.20 -22.00
N LEU B 169 -20.03 7.14 -21.65
CA LEU B 169 -19.50 5.79 -21.71
C LEU B 169 -19.17 5.37 -23.14
N GLU B 170 -20.03 5.76 -24.07
CA GLU B 170 -19.83 5.45 -25.49
C GLU B 170 -18.57 6.12 -26.03
N SER B 171 -18.33 7.35 -25.58
CA SER B 171 -17.15 8.11 -26.01
C SER B 171 -15.87 7.42 -25.57
N ARG B 172 -15.86 6.90 -24.35
CA ARG B 172 -14.73 6.16 -23.82
C ARG B 172 -14.46 4.90 -24.65
N LEU B 173 -15.52 4.18 -25.00
CA LEU B 173 -15.40 2.97 -25.81
C LEU B 173 -14.88 3.28 -27.20
N ASN B 174 -15.31 4.41 -27.76
CA ASN B 174 -14.85 4.85 -29.06
C ASN B 174 -13.35 5.13 -29.04
N LYS B 175 -12.91 5.87 -28.02
CA LYS B 175 -11.49 6.18 -27.85
C LYS B 175 -10.66 4.90 -27.73
N LEU B 176 -11.14 3.97 -26.91
CA LEU B 176 -10.48 2.67 -26.76
C LEU B 176 -10.37 1.95 -28.09
N TYR B 177 -11.44 2.00 -28.87
CA TYR B 177 -11.46 1.42 -30.21
C TYR B 177 -10.40 2.07 -31.09
N GLU B 178 -10.39 3.40 -31.11
CA GLU B 178 -9.42 4.16 -31.89
C GLU B 178 -7.99 3.90 -31.42
N GLU B 179 -7.83 3.69 -30.12
CA GLU B 179 -6.52 3.47 -29.56
C GLU B 179 -6.08 2.01 -29.69
N ALA B 180 -7.06 1.12 -29.85
CA ALA B 180 -6.77 -0.29 -30.06
C ALA B 180 -6.25 -0.52 -31.47
N LEU B 181 -6.54 0.42 -32.37
CA LEU B 181 -6.12 0.30 -33.77
C LEU B 181 -4.61 0.37 -33.92
N LYS B 182 -4.00 1.34 -33.24
CA LYS B 182 -2.55 1.50 -33.27
C LYS B 182 -1.86 0.59 -32.26
N LYS B 183 -1.75 -0.69 -32.59
CA LYS B 183 -1.20 -1.68 -31.68
C LYS B 183 -0.14 -2.55 -32.32
N GLU B 184 0.80 -3.04 -31.51
CA GLU B 184 1.80 -3.99 -31.95
C GLU B 184 1.49 -5.35 -31.35
N ASP B 185 1.62 -6.40 -32.17
CA ASP B 185 1.31 -7.77 -31.75
C ASP B 185 -0.13 -7.95 -31.27
N PHE B 186 -0.33 -7.89 -29.96
CA PHE B 186 -1.63 -8.20 -29.37
C PHE B 186 -2.31 -7.00 -28.73
N ALA B 187 -3.63 -7.01 -28.72
CA ALA B 187 -4.43 -5.99 -28.05
C ALA B 187 -5.52 -6.66 -27.21
N ILE B 188 -5.59 -6.32 -25.93
CA ILE B 188 -6.56 -6.95 -25.03
C ILE B 188 -7.45 -5.94 -24.32
N PHE B 189 -8.76 -6.17 -24.42
CA PHE B 189 -9.74 -5.34 -23.72
C PHE B 189 -9.97 -5.88 -22.32
N MET B 190 -10.05 -4.98 -21.34
CA MET B 190 -10.37 -5.36 -19.96
C MET B 190 -11.47 -4.45 -19.43
N GLY B 191 -12.59 -5.04 -19.06
CA GLY B 191 -13.71 -4.26 -18.58
C GLY B 191 -14.31 -4.77 -17.29
N HIS B 192 -14.84 -3.86 -16.49
CA HIS B 192 -15.53 -4.21 -15.26
C HIS B 192 -16.95 -3.66 -15.29
N PHE B 193 -17.85 -4.40 -15.93
CA PHE B 193 -19.23 -3.96 -16.10
C PHE B 193 -20.16 -5.13 -16.37
N THR B 194 -21.46 -4.84 -16.44
CA THR B 194 -22.46 -5.84 -16.75
C THR B 194 -22.89 -5.72 -18.21
N VAL B 195 -22.67 -6.77 -18.99
CA VAL B 195 -23.09 -6.79 -20.38
C VAL B 195 -24.61 -6.80 -20.46
N GLU B 196 -25.18 -5.92 -21.30
CA GLU B 196 -26.62 -5.82 -21.43
C GLU B 196 -27.25 -7.13 -21.90
N GLY B 197 -28.39 -7.48 -21.29
CA GLY B 197 -29.11 -8.67 -21.68
C GLY B 197 -28.83 -9.86 -20.80
N LEU B 198 -27.83 -9.74 -19.95
CA LEU B 198 -27.46 -10.82 -19.05
C LEU B 198 -28.54 -11.08 -18.00
N ALA B 199 -29.30 -12.16 -18.20
CA ALA B 199 -30.33 -12.56 -17.26
C ALA B 199 -29.89 -13.81 -16.50
N GLY B 200 -30.01 -13.76 -15.18
CA GLY B 200 -29.59 -14.86 -14.33
C GLY B 200 -28.22 -14.61 -13.73
N TYR B 201 -28.22 -14.07 -12.51
CA TYR B 201 -26.99 -13.70 -11.80
C TYR B 201 -26.07 -12.80 -12.64
N ALA B 202 -26.33 -11.49 -12.73
CA ALA B 202 -27.44 -10.74 -12.10
C ALA B 202 -27.61 -10.86 -10.58
N GLY B 203 -26.54 -10.57 -9.84
CA GLY B 203 -26.57 -10.64 -8.39
C GLY B 203 -25.91 -9.43 -7.76
N ILE B 204 -25.38 -8.54 -8.60
CA ILE B 204 -24.73 -7.33 -8.14
C ILE B 204 -25.19 -6.13 -9.00
N GLU B 205 -25.52 -5.01 -8.36
CA GLU B 205 -25.42 -4.83 -6.91
C GLU B 205 -26.50 -5.51 -6.03
N GLN B 206 -27.81 -5.33 -6.30
CA GLN B 206 -28.38 -4.50 -7.34
C GLN B 206 -29.69 -3.88 -6.86
N GLY B 207 -29.75 -2.55 -6.81
CA GLY B 207 -28.64 -1.70 -7.19
C GLY B 207 -28.68 -1.33 -8.66
N ARG B 208 -27.76 -0.46 -9.07
CA ARG B 208 -27.64 -0.07 -10.47
C ARG B 208 -26.17 -0.03 -10.90
N GLU B 209 -25.77 -1.03 -11.67
CA GLU B 209 -24.40 -1.10 -12.17
C GLU B 209 -24.30 -0.39 -13.51
N ILE B 210 -23.13 -0.49 -14.15
CA ILE B 210 -22.96 0.01 -15.51
C ILE B 210 -23.39 -1.06 -16.50
N ILE B 211 -24.32 -0.71 -17.39
CA ILE B 211 -24.80 -1.64 -18.39
C ILE B 211 -24.23 -1.29 -19.75
N ILE B 212 -23.53 -2.22 -20.38
CA ILE B 212 -22.92 -1.99 -21.68
C ILE B 212 -23.34 -3.04 -22.69
N ASN B 213 -23.74 -2.59 -23.87
CA ASN B 213 -24.09 -3.51 -24.96
C ASN B 213 -22.83 -4.18 -25.51
N ARG B 214 -22.88 -5.49 -25.67
CA ARG B 214 -21.71 -6.29 -26.03
C ARG B 214 -21.12 -5.94 -27.40
N ALA B 215 -21.96 -5.38 -28.28
CA ALA B 215 -21.50 -5.00 -29.61
C ALA B 215 -20.63 -3.74 -29.54
N LEU B 216 -20.73 -3.01 -28.44
CA LEU B 216 -19.95 -1.79 -28.26
C LEU B 216 -18.55 -2.10 -27.74
N ILE B 217 -18.26 -3.37 -27.50
CA ILE B 217 -16.91 -3.79 -27.14
C ILE B 217 -16.06 -3.82 -28.41
N PRO B 218 -14.96 -3.05 -28.42
CA PRO B 218 -14.07 -2.87 -29.57
C PRO B 218 -13.77 -4.18 -30.29
N SER B 219 -14.36 -4.33 -31.48
CA SER B 219 -14.29 -5.57 -32.23
C SER B 219 -12.89 -5.88 -32.75
N VAL B 220 -12.00 -4.90 -32.67
CA VAL B 220 -10.66 -5.05 -33.23
C VAL B 220 -9.70 -5.77 -32.28
N VAL B 221 -10.05 -5.85 -30.99
CA VAL B 221 -9.18 -6.49 -30.01
C VAL B 221 -9.12 -8.00 -30.20
N ASP B 222 -8.08 -8.62 -29.65
CA ASP B 222 -7.89 -10.06 -29.78
C ASP B 222 -8.61 -10.83 -28.68
N TYR B 223 -8.87 -10.15 -27.56
CA TYR B 223 -9.56 -10.77 -26.45
C TYR B 223 -10.16 -9.71 -25.52
N ALA B 224 -11.36 -9.98 -25.04
CA ALA B 224 -12.04 -9.08 -24.12
C ALA B 224 -12.21 -9.73 -22.75
N ALA B 225 -11.32 -9.40 -21.83
CA ALA B 225 -11.36 -9.93 -20.48
C ALA B 225 -12.33 -9.15 -19.60
N LEU B 226 -13.43 -9.80 -19.21
CA LEU B 226 -14.43 -9.14 -18.39
C LEU B 226 -14.48 -9.70 -16.96
N GLY B 227 -14.94 -8.87 -16.03
CA GLY B 227 -15.14 -9.28 -14.65
C GLY B 227 -16.40 -8.66 -14.11
N HIS B 228 -16.72 -9.00 -12.85
CA HIS B 228 -17.88 -8.52 -12.07
C HIS B 228 -19.02 -9.56 -12.01
N ILE B 229 -19.02 -10.52 -12.92
CA ILE B 229 -20.03 -11.56 -12.95
C ILE B 229 -19.53 -12.86 -12.31
N HIS B 230 -20.31 -13.40 -11.36
CA HIS B 230 -19.92 -14.60 -10.61
C HIS B 230 -19.91 -15.88 -11.43
N SER B 231 -20.69 -15.93 -12.50
CA SER B 231 -20.80 -17.15 -13.30
C SER B 231 -20.05 -17.02 -14.63
N PHE B 232 -19.42 -18.10 -15.05
CA PHE B 232 -18.73 -18.12 -16.33
C PHE B 232 -19.70 -17.84 -17.48
N ARG B 233 -19.29 -16.95 -18.38
CA ARG B 233 -20.11 -16.59 -19.54
C ARG B 233 -19.23 -16.30 -20.74
N GLU B 234 -19.36 -17.12 -21.79
CA GLU B 234 -18.79 -16.77 -23.08
C GLU B 234 -19.77 -15.82 -23.76
N ILE B 235 -19.46 -14.52 -23.70
CA ILE B 235 -20.38 -13.50 -24.21
C ILE B 235 -20.47 -13.52 -25.72
N GLN B 236 -19.32 -13.57 -26.39
CA GLN B 236 -19.27 -13.66 -27.85
C GLN B 236 -17.95 -14.28 -28.34
N LYS B 237 -17.86 -14.52 -29.64
CA LYS B 237 -16.70 -15.20 -30.20
C LYS B 237 -15.76 -14.28 -30.98
N GLN B 238 -16.33 -13.25 -31.59
CA GLN B 238 -15.53 -12.26 -32.32
C GLN B 238 -15.97 -10.83 -32.01
N PRO B 239 -15.21 -10.15 -31.13
CA PRO B 239 -14.03 -10.69 -30.45
C PRO B 239 -14.42 -11.60 -29.27
N LEU B 240 -13.58 -12.59 -28.97
CA LEU B 240 -13.84 -13.50 -27.87
C LEU B 240 -13.96 -12.74 -26.55
N THR B 241 -15.14 -12.81 -25.95
CA THR B 241 -15.43 -12.06 -24.74
C THR B 241 -15.90 -13.02 -23.64
N ILE B 242 -15.19 -13.00 -22.51
CA ILE B 242 -15.41 -13.99 -21.47
C ILE B 242 -15.44 -13.41 -20.05
N TYR B 243 -16.47 -13.78 -19.29
CA TYR B 243 -16.44 -13.66 -17.84
C TYR B 243 -16.01 -15.02 -17.31
N PRO B 244 -14.83 -15.08 -16.65
CA PRO B 244 -14.41 -16.37 -16.10
C PRO B 244 -15.21 -16.79 -14.87
N GLY B 245 -15.84 -15.83 -14.21
CA GLY B 245 -16.62 -16.12 -13.01
C GLY B 245 -15.78 -16.23 -11.75
N SER B 246 -16.43 -16.47 -10.62
CA SER B 246 -15.72 -16.59 -9.34
C SER B 246 -15.07 -17.95 -9.17
N LEU B 247 -14.29 -18.09 -8.10
CA LEU B 247 -13.57 -19.33 -7.82
C LEU B 247 -14.32 -20.23 -6.83
N ILE B 248 -15.24 -19.64 -6.08
CA ILE B 248 -16.08 -20.44 -5.20
C ILE B 248 -17.54 -20.07 -5.44
N ARG B 249 -18.44 -20.96 -5.08
CA ARG B 249 -19.86 -20.67 -5.17
C ARG B 249 -20.24 -19.75 -4.00
N ILE B 250 -20.33 -18.45 -4.30
CA ILE B 250 -20.56 -17.43 -3.27
C ILE B 250 -21.89 -17.64 -2.56
N ASP B 251 -22.93 -17.87 -3.33
CA ASP B 251 -24.25 -18.13 -2.77
C ASP B 251 -25.01 -19.15 -3.63
N PHE B 252 -26.19 -19.55 -3.18
CA PHE B 252 -26.90 -20.67 -3.77
C PHE B 252 -27.41 -20.43 -5.19
N GLY B 253 -27.39 -19.17 -5.63
CA GLY B 253 -27.73 -18.87 -7.00
C GLY B 253 -26.72 -19.48 -7.96
N GLU B 254 -25.52 -19.75 -7.44
CA GLU B 254 -24.44 -20.30 -8.25
C GLU B 254 -24.28 -21.80 -8.01
N GLU B 255 -25.29 -22.40 -7.38
CA GLU B 255 -25.29 -23.82 -7.06
C GLU B 255 -24.96 -24.72 -8.25
N ALA B 256 -25.48 -24.37 -9.42
CA ALA B 256 -25.30 -25.18 -10.62
C ALA B 256 -24.05 -24.80 -11.43
N ASP B 257 -23.30 -23.80 -10.96
CA ASP B 257 -22.13 -23.34 -11.67
C ASP B 257 -20.93 -24.26 -11.51
N GLU B 258 -20.12 -24.36 -12.56
CA GLU B 258 -18.79 -24.93 -12.45
C GLU B 258 -17.81 -23.77 -12.31
N LYS B 259 -17.00 -23.78 -11.26
CA LYS B 259 -16.16 -22.64 -10.93
C LYS B 259 -14.71 -22.83 -11.34
N GLY B 260 -14.08 -21.76 -11.79
CA GLY B 260 -12.65 -21.79 -12.12
C GLY B 260 -12.16 -20.60 -12.90
N ALA B 261 -11.07 -20.80 -13.64
CA ALA B 261 -10.50 -19.74 -14.46
C ALA B 261 -10.51 -20.14 -15.93
N VAL B 262 -9.92 -19.29 -16.77
CA VAL B 262 -9.92 -19.51 -18.21
C VAL B 262 -8.52 -19.42 -18.81
N PHE B 263 -8.10 -20.48 -19.50
CA PHE B 263 -6.82 -20.50 -20.18
C PHE B 263 -7.01 -20.16 -21.66
N VAL B 264 -6.63 -18.94 -22.05
CA VAL B 264 -6.78 -18.50 -23.42
C VAL B 264 -5.46 -18.61 -24.18
N GLU B 265 -5.47 -19.33 -25.30
CA GLU B 265 -4.27 -19.51 -26.10
C GLU B 265 -4.39 -18.75 -27.42
N LEU B 266 -3.73 -17.59 -27.49
CA LEU B 266 -3.79 -16.74 -28.68
C LEU B 266 -2.66 -17.06 -29.66
N LYS B 267 -3.00 -17.05 -30.94
CA LYS B 267 -2.02 -17.29 -32.00
C LYS B 267 -2.28 -16.30 -33.13
N ARG B 268 -1.25 -15.55 -33.52
CA ARG B 268 -1.40 -14.56 -34.57
C ARG B 268 -1.72 -15.23 -35.91
N GLY B 269 -2.90 -14.92 -36.45
CA GLY B 269 -3.36 -15.51 -37.69
C GLY B 269 -4.52 -16.45 -37.49
N GLU B 270 -4.32 -17.44 -36.62
CA GLU B 270 -5.36 -18.42 -36.31
C GLU B 270 -6.38 -17.87 -35.30
N PRO B 271 -7.63 -18.35 -35.37
CA PRO B 271 -8.67 -17.95 -34.42
C PRO B 271 -8.31 -18.36 -32.98
N PRO B 272 -8.75 -17.56 -31.99
CA PRO B 272 -8.45 -17.82 -30.58
C PRO B 272 -9.17 -19.05 -30.04
N ARG B 273 -8.57 -19.69 -29.04
CA ARG B 273 -9.20 -20.83 -28.38
C ARG B 273 -9.04 -20.69 -26.87
N TYR B 274 -9.88 -21.39 -26.11
CA TYR B 274 -9.80 -21.31 -24.65
C TYR B 274 -10.26 -22.59 -23.96
N GLU B 275 -9.64 -22.88 -22.81
CA GLU B 275 -10.02 -24.02 -21.99
C GLU B 275 -10.44 -23.52 -20.60
N ARG B 276 -11.42 -24.19 -20.00
CA ARG B 276 -11.87 -23.82 -18.67
C ARG B 276 -11.12 -24.62 -17.61
N ILE B 277 -10.52 -23.92 -16.67
CA ILE B 277 -9.74 -24.55 -15.61
C ILE B 277 -10.58 -24.69 -14.35
N ASP B 278 -11.10 -25.88 -14.09
CA ASP B 278 -11.96 -26.11 -12.93
C ASP B 278 -11.18 -25.95 -11.62
N ALA B 279 -11.75 -25.19 -10.69
CA ALA B 279 -11.12 -24.95 -9.40
C ALA B 279 -11.64 -25.92 -8.34
N SER B 280 -12.71 -26.62 -8.69
CA SER B 280 -13.34 -27.62 -7.82
C SER B 280 -13.59 -27.17 -6.39
N PRO B 281 -14.36 -26.09 -6.19
CA PRO B 281 -14.66 -25.67 -4.83
C PRO B 281 -15.77 -26.53 -4.23
N LEU B 282 -16.17 -26.23 -3.01
CA LEU B 282 -17.21 -26.99 -2.33
C LEU B 282 -18.54 -26.90 -3.05
N PRO B 283 -19.32 -27.99 -3.04
CA PRO B 283 -20.63 -27.98 -3.69
C PRO B 283 -21.69 -27.34 -2.80
N LEU B 284 -22.73 -26.81 -3.43
CA LEU B 284 -23.89 -26.31 -2.71
C LEU B 284 -25.10 -27.14 -3.12
N LYS B 285 -26.03 -27.32 -2.19
CA LYS B 285 -27.24 -28.06 -2.51
C LYS B 285 -28.45 -27.40 -1.85
N THR B 286 -29.52 -27.24 -2.62
CA THR B 286 -30.76 -26.73 -2.08
C THR B 286 -31.79 -27.85 -2.07
N LEU B 287 -32.36 -28.11 -0.90
CA LEU B 287 -33.40 -29.13 -0.77
C LEU B 287 -34.77 -28.45 -0.68
N TYR B 288 -35.71 -28.90 -1.51
CA TYR B 288 -37.05 -28.33 -1.55
C TYR B 288 -38.10 -29.25 -0.94
N TYR B 289 -38.93 -28.71 -0.05
CA TYR B 289 -40.03 -29.48 0.53
C TYR B 289 -41.31 -28.66 0.52
N LYS B 290 -42.45 -29.33 0.45
CA LYS B 290 -43.74 -28.66 0.55
C LYS B 290 -43.91 -28.16 1.98
N LYS B 291 -43.61 -29.03 2.95
CA LYS B 291 -43.64 -28.66 4.35
C LYS B 291 -42.65 -29.51 5.13
N ILE B 292 -42.31 -29.06 6.33
CA ILE B 292 -41.36 -29.79 7.17
C ILE B 292 -42.07 -30.70 8.17
N ASP B 293 -42.22 -31.97 7.80
CA ASP B 293 -42.76 -32.97 8.72
C ASP B 293 -41.63 -33.86 9.24
N THR B 294 -41.98 -34.84 10.07
CA THR B 294 -40.99 -35.72 10.68
C THR B 294 -40.16 -36.45 9.62
N SER B 295 -40.79 -36.74 8.49
CA SER B 295 -40.11 -37.42 7.39
C SER B 295 -39.13 -36.48 6.69
N ALA B 296 -39.45 -35.19 6.72
CA ALA B 296 -38.59 -34.18 6.13
C ALA B 296 -37.28 -34.04 6.91
N LEU B 297 -37.40 -33.98 8.24
CA LEU B 297 -36.23 -33.86 9.10
C LEU B 297 -35.23 -35.00 8.90
N LYS B 298 -35.74 -36.22 8.77
CA LYS B 298 -34.88 -37.39 8.63
C LYS B 298 -34.04 -37.32 7.35
N SER B 299 -34.69 -37.01 6.23
CA SER B 299 -33.99 -36.93 4.96
C SER B 299 -33.00 -35.78 4.94
N ILE B 300 -33.38 -34.65 5.55
CA ILE B 300 -32.51 -33.48 5.64
C ILE B 300 -31.25 -33.81 6.43
N ARG B 301 -31.43 -34.42 7.60
CA ARG B 301 -30.30 -34.78 8.47
C ARG B 301 -29.40 -35.80 7.78
N ASP B 302 -30.01 -36.77 7.12
CA ASP B 302 -29.25 -37.83 6.45
C ASP B 302 -28.48 -37.30 5.25
N PHE B 303 -29.07 -36.38 4.50
CA PHE B 303 -28.39 -35.80 3.35
C PHE B 303 -27.23 -34.91 3.80
N CYS B 304 -27.49 -34.05 4.76
CA CYS B 304 -26.49 -33.10 5.24
C CYS B 304 -25.30 -33.81 5.87
N ARG B 305 -25.56 -34.94 6.53
CA ARG B 305 -24.52 -35.71 7.20
C ARG B 305 -23.54 -36.29 6.19
N ASN B 306 -24.02 -36.55 4.98
CA ASN B 306 -23.21 -37.18 3.95
C ASN B 306 -22.81 -36.22 2.82
N PHE B 307 -23.20 -34.96 2.95
CA PHE B 307 -22.89 -33.96 1.94
C PHE B 307 -21.68 -33.12 2.35
N PRO B 308 -20.60 -33.18 1.54
CA PRO B 308 -19.35 -32.48 1.83
C PRO B 308 -19.37 -31.00 1.44
N GLY B 309 -20.56 -30.40 1.40
CA GLY B 309 -20.70 -29.00 1.06
C GLY B 309 -21.72 -28.31 1.95
N TYR B 310 -22.26 -27.19 1.49
CA TYR B 310 -23.23 -26.44 2.28
C TYR B 310 -24.65 -26.62 1.74
N VAL B 311 -25.62 -26.67 2.65
CA VAL B 311 -26.98 -27.00 2.28
C VAL B 311 -27.96 -25.88 2.61
N ARG B 312 -28.85 -25.60 1.66
CA ARG B 312 -29.98 -24.72 1.90
C ARG B 312 -31.26 -25.53 1.89
N VAL B 313 -32.20 -25.16 2.75
CA VAL B 313 -33.52 -25.79 2.76
C VAL B 313 -34.62 -24.74 2.59
N VAL B 314 -35.42 -24.89 1.55
CA VAL B 314 -36.58 -24.03 1.39
C VAL B 314 -37.86 -24.84 1.40
N TYR B 315 -38.85 -24.34 2.13
CA TYR B 315 -40.14 -25.00 2.24
C TYR B 315 -41.27 -23.99 2.15
N GLU B 316 -42.44 -24.46 1.74
CA GLU B 316 -43.55 -23.58 1.42
C GLU B 316 -44.49 -23.36 2.61
N GLU B 317 -45.10 -24.44 3.09
CA GLU B 317 -46.11 -24.35 4.14
C GLU B 317 -45.50 -24.22 5.52
N ASP B 318 -46.11 -23.37 6.36
CA ASP B 318 -45.70 -23.24 7.75
C ASP B 318 -45.82 -24.58 8.47
N SER B 319 -44.71 -25.07 8.98
CA SER B 319 -44.67 -26.38 9.63
C SER B 319 -44.67 -26.25 11.14
N GLY B 320 -45.32 -25.19 11.64
CA GLY B 320 -45.37 -24.94 13.07
C GLY B 320 -43.99 -24.68 13.63
N ILE B 321 -43.56 -25.54 14.54
CA ILE B 321 -42.23 -25.44 15.12
C ILE B 321 -41.35 -26.62 14.69
N LEU B 322 -40.14 -26.31 14.25
CA LEU B 322 -39.18 -27.33 13.87
C LEU B 322 -37.92 -27.20 14.72
N PRO B 323 -37.24 -28.33 14.98
CA PRO B 323 -36.03 -28.35 15.82
C PRO B 323 -34.97 -27.37 15.34
N ASP B 324 -34.09 -26.96 16.25
CA ASP B 324 -32.99 -26.06 15.90
C ASP B 324 -32.04 -26.79 14.98
N LEU B 325 -32.43 -26.91 13.70
CA LEU B 325 -31.64 -27.62 12.71
C LEU B 325 -30.28 -26.96 12.53
N MET B 326 -30.27 -25.64 12.42
CA MET B 326 -29.03 -24.89 12.24
C MET B 326 -28.18 -24.93 13.51
N GLY B 327 -28.76 -25.40 14.60
CA GLY B 327 -28.03 -25.57 15.84
C GLY B 327 -27.44 -26.96 15.96
N GLU B 328 -28.06 -27.92 15.26
CA GLU B 328 -27.59 -29.30 15.30
C GLU B 328 -26.96 -29.74 13.98
N ILE B 329 -27.28 -29.04 12.90
CA ILE B 329 -26.71 -29.37 11.60
C ILE B 329 -25.76 -28.27 11.13
N ASP B 330 -24.46 -28.52 11.30
CA ASP B 330 -23.44 -27.55 10.96
C ASP B 330 -23.38 -27.33 9.46
N ASN B 331 -23.92 -28.29 8.71
CA ASN B 331 -23.91 -28.27 7.25
C ASN B 331 -24.97 -27.34 6.67
N LEU B 332 -26.03 -27.12 7.44
CA LEU B 332 -27.18 -26.34 7.00
C LEU B 332 -26.94 -24.87 7.30
N VAL B 333 -26.88 -24.05 6.25
CA VAL B 333 -26.48 -22.66 6.43
C VAL B 333 -27.60 -21.66 6.19
N LYS B 334 -28.70 -22.12 5.62
CA LYS B 334 -29.81 -21.23 5.32
C LYS B 334 -31.15 -21.94 5.20
N ILE B 335 -32.19 -21.33 5.76
CA ILE B 335 -33.54 -21.86 5.65
C ILE B 335 -34.50 -20.77 5.18
N GLU B 336 -35.15 -21.01 4.05
CA GLU B 336 -36.07 -20.03 3.49
C GLU B 336 -37.52 -20.53 3.49
MN MN C . 8.83 9.32 16.35
MN MN D . 9.49 13.05 14.80
OAC 2PV E . 7.17 6.48 10.72
CAN 2PV E . 6.78 6.40 9.56
NAI 2PV E . 7.48 5.68 8.67
CAM 2PV E . 6.94 5.68 7.44
NAA 2PV E . 7.44 5.05 6.38
SAJ 2PV E . 5.63 6.58 7.46
CAO 2PV E . 5.69 7.00 9.04
CAD 2PV E . 4.71 7.79 9.53
CAL 2PV E . 4.51 8.24 10.84
CAG 2PV E . 3.46 9.13 10.99
CAE 2PV E . 3.15 9.68 12.23
CAK 2PV E . 3.89 9.34 13.34
NAB 2PV E . 3.60 9.87 14.53
CAF 2PV E . 4.95 8.46 13.21
CAH 2PV E . 5.26 7.93 11.96
MN MN F . -17.99 -4.93 -8.95
MN MN G . -18.44 -9.88 -7.93
OAC 2PV H . -11.14 -4.61 -7.80
CAN 2PV H . -10.23 -4.90 -7.05
NAI 2PV H . -9.00 -5.15 -7.55
CAM 2PV H . -8.12 -5.48 -6.61
NAA 2PV H . -6.84 -5.76 -6.82
SAJ 2PV H . -8.84 -5.48 -5.18
CAO 2PV H . -10.33 -5.07 -5.71
CAD 2PV H . -11.30 -4.94 -4.78
CAL 2PV H . -12.62 -4.51 -4.95
CAG 2PV H . -13.40 -4.51 -3.79
CAE 2PV H . -14.73 -4.13 -3.81
CAK 2PV H . -15.31 -3.71 -4.99
NAB 2PV H . -16.59 -3.33 -5.01
CAF 2PV H . -14.56 -3.70 -6.15
CAH 2PV H . -13.23 -4.10 -6.13
#